data_4LZ9
# 
_entry.id   4LZ9 
# 
_audit_conform.dict_name       mmcif_pdbx.dic 
_audit_conform.dict_version    5.388 
_audit_conform.dict_location   http://mmcif.pdb.org/dictionaries/ascii/mmcif_pdbx.dic 
# 
loop_
_database_2.database_id 
_database_2.database_code 
_database_2.pdbx_database_accession 
_database_2.pdbx_DOI 
PDB   4LZ9         pdb_00004lz9 10.2210/pdb4lz9/pdb 
RCSB  RCSB081268   ?            ?                   
WWPDB D_1000081268 ?            ?                   
# 
loop_
_pdbx_audit_revision_history.ordinal 
_pdbx_audit_revision_history.data_content_type 
_pdbx_audit_revision_history.major_revision 
_pdbx_audit_revision_history.minor_revision 
_pdbx_audit_revision_history.revision_date 
1 'Structure model' 1 0 2013-10-23 
2 'Structure model' 1 1 2013-11-20 
3 'Structure model' 1 2 2024-03-20 
# 
_pdbx_audit_revision_details.ordinal             1 
_pdbx_audit_revision_details.revision_ordinal    1 
_pdbx_audit_revision_details.data_content_type   'Structure model' 
_pdbx_audit_revision_details.provider            repository 
_pdbx_audit_revision_details.type                'Initial release' 
_pdbx_audit_revision_details.description         ? 
_pdbx_audit_revision_details.details             ? 
# 
loop_
_pdbx_audit_revision_group.ordinal 
_pdbx_audit_revision_group.revision_ordinal 
_pdbx_audit_revision_group.data_content_type 
_pdbx_audit_revision_group.group 
1 2 'Structure model' 'Database references'  
2 3 'Structure model' 'Data collection'      
3 3 'Structure model' 'Database references'  
4 3 'Structure model' 'Derived calculations' 
# 
loop_
_pdbx_audit_revision_category.ordinal 
_pdbx_audit_revision_category.revision_ordinal 
_pdbx_audit_revision_category.data_content_type 
_pdbx_audit_revision_category.category 
1 3 'Structure model' chem_comp_atom 
2 3 'Structure model' chem_comp_bond 
3 3 'Structure model' database_2     
4 3 'Structure model' struct_site    
# 
loop_
_pdbx_audit_revision_item.ordinal 
_pdbx_audit_revision_item.revision_ordinal 
_pdbx_audit_revision_item.data_content_type 
_pdbx_audit_revision_item.item 
1 3 'Structure model' '_database_2.pdbx_DOI'                
2 3 'Structure model' '_database_2.pdbx_database_accession' 
3 3 'Structure model' '_struct_site.pdbx_auth_asym_id'      
4 3 'Structure model' '_struct_site.pdbx_auth_comp_id'      
5 3 'Structure model' '_struct_site.pdbx_auth_seq_id'       
# 
_pdbx_database_status.status_code                     REL 
_pdbx_database_status.entry_id                        4LZ9 
_pdbx_database_status.recvd_initial_deposition_date   2013-07-31 
_pdbx_database_status.deposit_site                    RCSB 
_pdbx_database_status.process_site                    PDBJ 
_pdbx_database_status.methods_development_category    ? 
_pdbx_database_status.status_code_sf                  REL 
_pdbx_database_status.status_code_mr                  ? 
_pdbx_database_status.SG_entry                        ? 
_pdbx_database_status.status_code_cs                  ? 
_pdbx_database_status.pdb_format_compatible           Y 
_pdbx_database_status.status_code_nmr_data            ? 
# 
_pdbx_database_related.db_name        PDB 
_pdbx_database_related.db_id          4LZ6 
_pdbx_database_related.details        . 
_pdbx_database_related.content_type   unspecified 
# 
loop_
_audit_author.name 
_audit_author.pdbx_ordinal 
'Lu, M.'        1 
'Radchenko, M.' 2 
'Symersky, J.'  3 
'Nie, R.'       4 
'Guo, Y.'       5 
# 
_citation.id                        primary 
_citation.title                     'Structural insights into H(+)-coupled multidrug extrusion by a MATE transporter' 
_citation.journal_abbrev            Nat.Struct.Mol.Biol. 
_citation.journal_volume            20 
_citation.page_first                1310 
_citation.page_last                 1317 
_citation.year                      2013 
_citation.journal_id_ASTM           ? 
_citation.country                   US 
_citation.journal_id_ISSN           1545-9993 
_citation.journal_id_CSD            ? 
_citation.book_publisher            ? 
_citation.pdbx_database_id_PubMed   24141706 
_citation.pdbx_database_id_DOI      10.1038/nsmb.2687 
# 
loop_
_citation_author.citation_id 
_citation_author.name 
_citation_author.ordinal 
_citation_author.identifier_ORCID 
primary 'Lu, M.'        1 ? 
primary 'Radchenko, M.' 2 ? 
primary 'Symersky, J.'  3 ? 
primary 'Nie, R.'       4 ? 
primary 'Guo, Y.'       5 ? 
# 
loop_
_entity.id 
_entity.type 
_entity.src_method 
_entity.pdbx_description 
_entity.formula_weight 
_entity.pdbx_number_of_molecules 
_entity.pdbx_ec 
_entity.pdbx_mutation 
_entity.pdbx_fragment 
_entity.details 
1 polymer     man 'BH2163 protein' 48615.172 1 ? ? 'UNP residues 3-448' ? 
2 non-polymer syn 'RHODAMINE 6G'   443.557   1 ? ? ?                    ? 
# 
_entity_poly.entity_id                      1 
_entity_poly.type                           'polypeptide(L)' 
_entity_poly.nstd_linkage                   no 
_entity_poly.nstd_monomer                   no 
_entity_poly.pdbx_seq_one_letter_code       
;QKQQSERLGTEAIPKLLRSLSIPAMIGMFVMALYNVVDTIFISYAVGIEGVAGVTIAFPIMMIMMSMAGALGIGGASVIS
RRLGERRGEEANQVFGNILTVILVLSVIGFISAFTLLGPALQLFGATSVTQGYATDYLFPILLGSIFFFFAFAANNIIRS
EGNATFAMVTMIVPAVLNILLDVLFIFGLNMGVLGASIATVIAQASVTGLVLRYFLTGKSTLSLHWSDLRMKGSVIKEVC
LVGLPAFVQQSSASLMMIAINSMLLRFGSDFYVGVFGLVQRIMMFVMMPMMGIMQAMQPIVGYNYGAKQYSRLRETVMLG
FKVATIFSIGIFALLMLFPEALLRVFTADREVIQAGVSAMHILFCVTFLIGAQIVAGGLYQSLGKPKQALILSLSRQIIF
LIPLVLILPHIFGLSGVWWAFPIADVLSFILTVVLLYRDRNVFFLK
;
_entity_poly.pdbx_seq_one_letter_code_can   
;QKQQSERLGTEAIPKLLRSLSIPAMIGMFVMALYNVVDTIFISYAVGIEGVAGVTIAFPIMMIMMSMAGALGIGGASVIS
RRLGERRGEEANQVFGNILTVILVLSVIGFISAFTLLGPALQLFGATSVTQGYATDYLFPILLGSIFFFFAFAANNIIRS
EGNATFAMVTMIVPAVLNILLDVLFIFGLNMGVLGASIATVIAQASVTGLVLRYFLTGKSTLSLHWSDLRMKGSVIKEVC
LVGLPAFVQQSSASLMMIAINSMLLRFGSDFYVGVFGLVQRIMMFVMMPMMGIMQAMQPIVGYNYGAKQYSRLRETVMLG
FKVATIFSIGIFALLMLFPEALLRVFTADREVIQAGVSAMHILFCVTFLIGAQIVAGGLYQSLGKPKQALILSLSRQIIF
LIPLVLILPHIFGLSGVWWAFPIADVLSFILTVVLLYRDRNVFFLK
;
_entity_poly.pdbx_strand_id                 A 
_entity_poly.pdbx_target_identifier         ? 
# 
_pdbx_entity_nonpoly.entity_id   2 
_pdbx_entity_nonpoly.name        'RHODAMINE 6G' 
_pdbx_entity_nonpoly.comp_id     RHQ 
# 
loop_
_entity_poly_seq.entity_id 
_entity_poly_seq.num 
_entity_poly_seq.mon_id 
_entity_poly_seq.hetero 
1 1   GLN n 
1 2   LYS n 
1 3   GLN n 
1 4   GLN n 
1 5   SER n 
1 6   GLU n 
1 7   ARG n 
1 8   LEU n 
1 9   GLY n 
1 10  THR n 
1 11  GLU n 
1 12  ALA n 
1 13  ILE n 
1 14  PRO n 
1 15  LYS n 
1 16  LEU n 
1 17  LEU n 
1 18  ARG n 
1 19  SER n 
1 20  LEU n 
1 21  SER n 
1 22  ILE n 
1 23  PRO n 
1 24  ALA n 
1 25  MET n 
1 26  ILE n 
1 27  GLY n 
1 28  MET n 
1 29  PHE n 
1 30  VAL n 
1 31  MET n 
1 32  ALA n 
1 33  LEU n 
1 34  TYR n 
1 35  ASN n 
1 36  VAL n 
1 37  VAL n 
1 38  ASP n 
1 39  THR n 
1 40  ILE n 
1 41  PHE n 
1 42  ILE n 
1 43  SER n 
1 44  TYR n 
1 45  ALA n 
1 46  VAL n 
1 47  GLY n 
1 48  ILE n 
1 49  GLU n 
1 50  GLY n 
1 51  VAL n 
1 52  ALA n 
1 53  GLY n 
1 54  VAL n 
1 55  THR n 
1 56  ILE n 
1 57  ALA n 
1 58  PHE n 
1 59  PRO n 
1 60  ILE n 
1 61  MET n 
1 62  MET n 
1 63  ILE n 
1 64  MET n 
1 65  MET n 
1 66  SER n 
1 67  MET n 
1 68  ALA n 
1 69  GLY n 
1 70  ALA n 
1 71  LEU n 
1 72  GLY n 
1 73  ILE n 
1 74  GLY n 
1 75  GLY n 
1 76  ALA n 
1 77  SER n 
1 78  VAL n 
1 79  ILE n 
1 80  SER n 
1 81  ARG n 
1 82  ARG n 
1 83  LEU n 
1 84  GLY n 
1 85  GLU n 
1 86  ARG n 
1 87  ARG n 
1 88  GLY n 
1 89  GLU n 
1 90  GLU n 
1 91  ALA n 
1 92  ASN n 
1 93  GLN n 
1 94  VAL n 
1 95  PHE n 
1 96  GLY n 
1 97  ASN n 
1 98  ILE n 
1 99  LEU n 
1 100 THR n 
1 101 VAL n 
1 102 ILE n 
1 103 LEU n 
1 104 VAL n 
1 105 LEU n 
1 106 SER n 
1 107 VAL n 
1 108 ILE n 
1 109 GLY n 
1 110 PHE n 
1 111 ILE n 
1 112 SER n 
1 113 ALA n 
1 114 PHE n 
1 115 THR n 
1 116 LEU n 
1 117 LEU n 
1 118 GLY n 
1 119 PRO n 
1 120 ALA n 
1 121 LEU n 
1 122 GLN n 
1 123 LEU n 
1 124 PHE n 
1 125 GLY n 
1 126 ALA n 
1 127 THR n 
1 128 SER n 
1 129 VAL n 
1 130 THR n 
1 131 GLN n 
1 132 GLY n 
1 133 TYR n 
1 134 ALA n 
1 135 THR n 
1 136 ASP n 
1 137 TYR n 
1 138 LEU n 
1 139 PHE n 
1 140 PRO n 
1 141 ILE n 
1 142 LEU n 
1 143 LEU n 
1 144 GLY n 
1 145 SER n 
1 146 ILE n 
1 147 PHE n 
1 148 PHE n 
1 149 PHE n 
1 150 PHE n 
1 151 ALA n 
1 152 PHE n 
1 153 ALA n 
1 154 ALA n 
1 155 ASN n 
1 156 ASN n 
1 157 ILE n 
1 158 ILE n 
1 159 ARG n 
1 160 SER n 
1 161 GLU n 
1 162 GLY n 
1 163 ASN n 
1 164 ALA n 
1 165 THR n 
1 166 PHE n 
1 167 ALA n 
1 168 MET n 
1 169 VAL n 
1 170 THR n 
1 171 MET n 
1 172 ILE n 
1 173 VAL n 
1 174 PRO n 
1 175 ALA n 
1 176 VAL n 
1 177 LEU n 
1 178 ASN n 
1 179 ILE n 
1 180 LEU n 
1 181 LEU n 
1 182 ASP n 
1 183 VAL n 
1 184 LEU n 
1 185 PHE n 
1 186 ILE n 
1 187 PHE n 
1 188 GLY n 
1 189 LEU n 
1 190 ASN n 
1 191 MET n 
1 192 GLY n 
1 193 VAL n 
1 194 LEU n 
1 195 GLY n 
1 196 ALA n 
1 197 SER n 
1 198 ILE n 
1 199 ALA n 
1 200 THR n 
1 201 VAL n 
1 202 ILE n 
1 203 ALA n 
1 204 GLN n 
1 205 ALA n 
1 206 SER n 
1 207 VAL n 
1 208 THR n 
1 209 GLY n 
1 210 LEU n 
1 211 VAL n 
1 212 LEU n 
1 213 ARG n 
1 214 TYR n 
1 215 PHE n 
1 216 LEU n 
1 217 THR n 
1 218 GLY n 
1 219 LYS n 
1 220 SER n 
1 221 THR n 
1 222 LEU n 
1 223 SER n 
1 224 LEU n 
1 225 HIS n 
1 226 TRP n 
1 227 SER n 
1 228 ASP n 
1 229 LEU n 
1 230 ARG n 
1 231 MET n 
1 232 LYS n 
1 233 GLY n 
1 234 SER n 
1 235 VAL n 
1 236 ILE n 
1 237 LYS n 
1 238 GLU n 
1 239 VAL n 
1 240 CYS n 
1 241 LEU n 
1 242 VAL n 
1 243 GLY n 
1 244 LEU n 
1 245 PRO n 
1 246 ALA n 
1 247 PHE n 
1 248 VAL n 
1 249 GLN n 
1 250 GLN n 
1 251 SER n 
1 252 SER n 
1 253 ALA n 
1 254 SER n 
1 255 LEU n 
1 256 MET n 
1 257 MET n 
1 258 ILE n 
1 259 ALA n 
1 260 ILE n 
1 261 ASN n 
1 262 SER n 
1 263 MET n 
1 264 LEU n 
1 265 LEU n 
1 266 ARG n 
1 267 PHE n 
1 268 GLY n 
1 269 SER n 
1 270 ASP n 
1 271 PHE n 
1 272 TYR n 
1 273 VAL n 
1 274 GLY n 
1 275 VAL n 
1 276 PHE n 
1 277 GLY n 
1 278 LEU n 
1 279 VAL n 
1 280 GLN n 
1 281 ARG n 
1 282 ILE n 
1 283 MET n 
1 284 MET n 
1 285 PHE n 
1 286 VAL n 
1 287 MET n 
1 288 MET n 
1 289 PRO n 
1 290 MET n 
1 291 MET n 
1 292 GLY n 
1 293 ILE n 
1 294 MET n 
1 295 GLN n 
1 296 ALA n 
1 297 MET n 
1 298 GLN n 
1 299 PRO n 
1 300 ILE n 
1 301 VAL n 
1 302 GLY n 
1 303 TYR n 
1 304 ASN n 
1 305 TYR n 
1 306 GLY n 
1 307 ALA n 
1 308 LYS n 
1 309 GLN n 
1 310 TYR n 
1 311 SER n 
1 312 ARG n 
1 313 LEU n 
1 314 ARG n 
1 315 GLU n 
1 316 THR n 
1 317 VAL n 
1 318 MET n 
1 319 LEU n 
1 320 GLY n 
1 321 PHE n 
1 322 LYS n 
1 323 VAL n 
1 324 ALA n 
1 325 THR n 
1 326 ILE n 
1 327 PHE n 
1 328 SER n 
1 329 ILE n 
1 330 GLY n 
1 331 ILE n 
1 332 PHE n 
1 333 ALA n 
1 334 LEU n 
1 335 LEU n 
1 336 MET n 
1 337 LEU n 
1 338 PHE n 
1 339 PRO n 
1 340 GLU n 
1 341 ALA n 
1 342 LEU n 
1 343 LEU n 
1 344 ARG n 
1 345 VAL n 
1 346 PHE n 
1 347 THR n 
1 348 ALA n 
1 349 ASP n 
1 350 ARG n 
1 351 GLU n 
1 352 VAL n 
1 353 ILE n 
1 354 GLN n 
1 355 ALA n 
1 356 GLY n 
1 357 VAL n 
1 358 SER n 
1 359 ALA n 
1 360 MET n 
1 361 HIS n 
1 362 ILE n 
1 363 LEU n 
1 364 PHE n 
1 365 CYS n 
1 366 VAL n 
1 367 THR n 
1 368 PHE n 
1 369 LEU n 
1 370 ILE n 
1 371 GLY n 
1 372 ALA n 
1 373 GLN n 
1 374 ILE n 
1 375 VAL n 
1 376 ALA n 
1 377 GLY n 
1 378 GLY n 
1 379 LEU n 
1 380 TYR n 
1 381 GLN n 
1 382 SER n 
1 383 LEU n 
1 384 GLY n 
1 385 LYS n 
1 386 PRO n 
1 387 LYS n 
1 388 GLN n 
1 389 ALA n 
1 390 LEU n 
1 391 ILE n 
1 392 LEU n 
1 393 SER n 
1 394 LEU n 
1 395 SER n 
1 396 ARG n 
1 397 GLN n 
1 398 ILE n 
1 399 ILE n 
1 400 PHE n 
1 401 LEU n 
1 402 ILE n 
1 403 PRO n 
1 404 LEU n 
1 405 VAL n 
1 406 LEU n 
1 407 ILE n 
1 408 LEU n 
1 409 PRO n 
1 410 HIS n 
1 411 ILE n 
1 412 PHE n 
1 413 GLY n 
1 414 LEU n 
1 415 SER n 
1 416 GLY n 
1 417 VAL n 
1 418 TRP n 
1 419 TRP n 
1 420 ALA n 
1 421 PHE n 
1 422 PRO n 
1 423 ILE n 
1 424 ALA n 
1 425 ASP n 
1 426 VAL n 
1 427 LEU n 
1 428 SER n 
1 429 PHE n 
1 430 ILE n 
1 431 LEU n 
1 432 THR n 
1 433 VAL n 
1 434 VAL n 
1 435 LEU n 
1 436 LEU n 
1 437 TYR n 
1 438 ARG n 
1 439 ASP n 
1 440 ARG n 
1 441 ASN n 
1 442 VAL n 
1 443 PHE n 
1 444 PHE n 
1 445 LEU n 
1 446 LYS n 
# 
_entity_src_gen.entity_id                          1 
_entity_src_gen.pdbx_src_id                        1 
_entity_src_gen.pdbx_alt_source_flag               sample 
_entity_src_gen.pdbx_seq_type                      ? 
_entity_src_gen.pdbx_beg_seq_num                   ? 
_entity_src_gen.pdbx_end_seq_num                   ? 
_entity_src_gen.gene_src_common_name               ? 
_entity_src_gen.gene_src_genus                     ? 
_entity_src_gen.pdbx_gene_src_gene                 BH2163 
_entity_src_gen.gene_src_species                   ? 
_entity_src_gen.gene_src_strain                    C-125 
_entity_src_gen.gene_src_tissue                    ? 
_entity_src_gen.gene_src_tissue_fraction           ? 
_entity_src_gen.gene_src_details                   ? 
_entity_src_gen.pdbx_gene_src_fragment             ? 
_entity_src_gen.pdbx_gene_src_scientific_name      'Bacillus halodurans' 
_entity_src_gen.pdbx_gene_src_ncbi_taxonomy_id     272558 
_entity_src_gen.pdbx_gene_src_variant              ? 
_entity_src_gen.pdbx_gene_src_cell_line            ? 
_entity_src_gen.pdbx_gene_src_atcc                 ? 
_entity_src_gen.pdbx_gene_src_organ                ? 
_entity_src_gen.pdbx_gene_src_organelle            ? 
_entity_src_gen.pdbx_gene_src_cell                 ? 
_entity_src_gen.pdbx_gene_src_cellular_location    ? 
_entity_src_gen.host_org_common_name               ? 
_entity_src_gen.pdbx_host_org_scientific_name      'Escherichia coli' 
_entity_src_gen.pdbx_host_org_ncbi_taxonomy_id     562 
_entity_src_gen.host_org_genus                     ? 
_entity_src_gen.pdbx_host_org_gene                 ? 
_entity_src_gen.pdbx_host_org_organ                ? 
_entity_src_gen.host_org_species                   ? 
_entity_src_gen.pdbx_host_org_tissue               ? 
_entity_src_gen.pdbx_host_org_tissue_fraction      ? 
_entity_src_gen.pdbx_host_org_strain               ? 
_entity_src_gen.pdbx_host_org_variant              ? 
_entity_src_gen.pdbx_host_org_cell_line            ? 
_entity_src_gen.pdbx_host_org_atcc                 ? 
_entity_src_gen.pdbx_host_org_culture_collection   ? 
_entity_src_gen.pdbx_host_org_cell                 ? 
_entity_src_gen.pdbx_host_org_organelle            ? 
_entity_src_gen.pdbx_host_org_cellular_location    ? 
_entity_src_gen.pdbx_host_org_vector_type          ? 
_entity_src_gen.pdbx_host_org_vector               ? 
_entity_src_gen.host_org_details                   ? 
_entity_src_gen.expression_system_id               ? 
_entity_src_gen.plasmid_name                       ? 
_entity_src_gen.plasmid_details                    ? 
_entity_src_gen.pdbx_description                   ? 
# 
loop_
_chem_comp.id 
_chem_comp.type 
_chem_comp.mon_nstd_flag 
_chem_comp.name 
_chem_comp.pdbx_synonyms 
_chem_comp.formula 
_chem_comp.formula_weight 
ALA 'L-peptide linking' y ALANINE         ? 'C3 H7 N O2'      89.093  
ARG 'L-peptide linking' y ARGININE        ? 'C6 H15 N4 O2 1'  175.209 
ASN 'L-peptide linking' y ASPARAGINE      ? 'C4 H8 N2 O3'     132.118 
ASP 'L-peptide linking' y 'ASPARTIC ACID' ? 'C4 H7 N O4'      133.103 
CYS 'L-peptide linking' y CYSTEINE        ? 'C3 H7 N O2 S'    121.158 
GLN 'L-peptide linking' y GLUTAMINE       ? 'C5 H10 N2 O3'    146.144 
GLU 'L-peptide linking' y 'GLUTAMIC ACID' ? 'C5 H9 N O4'      147.129 
GLY 'peptide linking'   y GLYCINE         ? 'C2 H5 N O2'      75.067  
HIS 'L-peptide linking' y HISTIDINE       ? 'C6 H10 N3 O2 1'  156.162 
ILE 'L-peptide linking' y ISOLEUCINE      ? 'C6 H13 N O2'     131.173 
LEU 'L-peptide linking' y LEUCINE         ? 'C6 H13 N O2'     131.173 
LYS 'L-peptide linking' y LYSINE          ? 'C6 H15 N2 O2 1'  147.195 
MET 'L-peptide linking' y METHIONINE      ? 'C5 H11 N O2 S'   149.211 
PHE 'L-peptide linking' y PHENYLALANINE   ? 'C9 H11 N O2'     165.189 
PRO 'L-peptide linking' y PROLINE         ? 'C5 H9 N O2'      115.130 
RHQ non-polymer         . 'RHODAMINE 6G'  ? 'C28 H31 N2 O3 1' 443.557 
SER 'L-peptide linking' y SERINE          ? 'C3 H7 N O3'      105.093 
THR 'L-peptide linking' y THREONINE       ? 'C4 H9 N O3'      119.119 
TRP 'L-peptide linking' y TRYPTOPHAN      ? 'C11 H12 N2 O2'   204.225 
TYR 'L-peptide linking' y TYROSINE        ? 'C9 H11 N O3'     181.189 
VAL 'L-peptide linking' y VALINE          ? 'C5 H11 N O2'     117.146 
# 
loop_
_pdbx_poly_seq_scheme.asym_id 
_pdbx_poly_seq_scheme.entity_id 
_pdbx_poly_seq_scheme.seq_id 
_pdbx_poly_seq_scheme.mon_id 
_pdbx_poly_seq_scheme.ndb_seq_num 
_pdbx_poly_seq_scheme.pdb_seq_num 
_pdbx_poly_seq_scheme.auth_seq_num 
_pdbx_poly_seq_scheme.pdb_mon_id 
_pdbx_poly_seq_scheme.auth_mon_id 
_pdbx_poly_seq_scheme.pdb_strand_id 
_pdbx_poly_seq_scheme.pdb_ins_code 
_pdbx_poly_seq_scheme.hetero 
A 1 1   GLN 1   3   3   GLN GLN A . n 
A 1 2   LYS 2   4   4   LYS LYS A . n 
A 1 3   GLN 3   5   5   GLN GLN A . n 
A 1 4   GLN 4   6   6   GLN GLN A . n 
A 1 5   SER 5   7   7   SER SER A . n 
A 1 6   GLU 6   8   8   GLU GLU A . n 
A 1 7   ARG 7   9   9   ARG ARG A . n 
A 1 8   LEU 8   10  10  LEU LEU A . n 
A 1 9   GLY 9   11  11  GLY GLY A . n 
A 1 10  THR 10  12  12  THR THR A . n 
A 1 11  GLU 11  13  13  GLU GLU A . n 
A 1 12  ALA 12  14  14  ALA ALA A . n 
A 1 13  ILE 13  15  15  ILE ILE A . n 
A 1 14  PRO 14  16  16  PRO PRO A . n 
A 1 15  LYS 15  17  17  LYS LYS A . n 
A 1 16  LEU 16  18  18  LEU LEU A . n 
A 1 17  LEU 17  19  19  LEU LEU A . n 
A 1 18  ARG 18  20  20  ARG ARG A . n 
A 1 19  SER 19  21  21  SER SER A . n 
A 1 20  LEU 20  22  22  LEU LEU A . n 
A 1 21  SER 21  23  23  SER SER A . n 
A 1 22  ILE 22  24  24  ILE ILE A . n 
A 1 23  PRO 23  25  25  PRO PRO A . n 
A 1 24  ALA 24  26  26  ALA ALA A . n 
A 1 25  MET 25  27  27  MET MET A . n 
A 1 26  ILE 26  28  28  ILE ILE A . n 
A 1 27  GLY 27  29  29  GLY GLY A . n 
A 1 28  MET 28  30  30  MET MET A . n 
A 1 29  PHE 29  31  31  PHE PHE A . n 
A 1 30  VAL 30  32  32  VAL VAL A . n 
A 1 31  MET 31  33  33  MET MET A . n 
A 1 32  ALA 32  34  34  ALA ALA A . n 
A 1 33  LEU 33  35  35  LEU LEU A . n 
A 1 34  TYR 34  36  36  TYR TYR A . n 
A 1 35  ASN 35  37  37  ASN ASN A . n 
A 1 36  VAL 36  38  38  VAL VAL A . n 
A 1 37  VAL 37  39  39  VAL VAL A . n 
A 1 38  ASP 38  40  40  ASP ASP A . n 
A 1 39  THR 39  41  41  THR THR A . n 
A 1 40  ILE 40  42  42  ILE ILE A . n 
A 1 41  PHE 41  43  43  PHE PHE A . n 
A 1 42  ILE 42  44  44  ILE ILE A . n 
A 1 43  SER 43  45  45  SER SER A . n 
A 1 44  TYR 44  46  46  TYR TYR A . n 
A 1 45  ALA 45  47  47  ALA ALA A . n 
A 1 46  VAL 46  48  48  VAL VAL A . n 
A 1 47  GLY 47  49  49  GLY GLY A . n 
A 1 48  ILE 48  50  50  ILE ILE A . n 
A 1 49  GLU 49  51  51  GLU GLU A . n 
A 1 50  GLY 50  52  52  GLY GLY A . n 
A 1 51  VAL 51  53  53  VAL VAL A . n 
A 1 52  ALA 52  54  54  ALA ALA A . n 
A 1 53  GLY 53  55  55  GLY GLY A . n 
A 1 54  VAL 54  56  56  VAL VAL A . n 
A 1 55  THR 55  57  57  THR THR A . n 
A 1 56  ILE 56  58  58  ILE ILE A . n 
A 1 57  ALA 57  59  59  ALA ALA A . n 
A 1 58  PHE 58  60  60  PHE PHE A . n 
A 1 59  PRO 59  61  61  PRO PRO A . n 
A 1 60  ILE 60  62  62  ILE ILE A . n 
A 1 61  MET 61  63  63  MET MET A . n 
A 1 62  MET 62  64  64  MET MET A . n 
A 1 63  ILE 63  65  65  ILE ILE A . n 
A 1 64  MET 64  66  66  MET MET A . n 
A 1 65  MET 65  67  67  MET MET A . n 
A 1 66  SER 66  68  68  SER SER A . n 
A 1 67  MET 67  69  69  MET MET A . n 
A 1 68  ALA 68  70  70  ALA ALA A . n 
A 1 69  GLY 69  71  71  GLY GLY A . n 
A 1 70  ALA 70  72  72  ALA ALA A . n 
A 1 71  LEU 71  73  73  LEU LEU A . n 
A 1 72  GLY 72  74  74  GLY GLY A . n 
A 1 73  ILE 73  75  75  ILE ILE A . n 
A 1 74  GLY 74  76  76  GLY GLY A . n 
A 1 75  GLY 75  77  77  GLY GLY A . n 
A 1 76  ALA 76  78  78  ALA ALA A . n 
A 1 77  SER 77  79  79  SER SER A . n 
A 1 78  VAL 78  80  80  VAL VAL A . n 
A 1 79  ILE 79  81  81  ILE ILE A . n 
A 1 80  SER 80  82  82  SER SER A . n 
A 1 81  ARG 81  83  83  ARG ARG A . n 
A 1 82  ARG 82  84  84  ARG ARG A . n 
A 1 83  LEU 83  85  85  LEU LEU A . n 
A 1 84  GLY 84  86  86  GLY GLY A . n 
A 1 85  GLU 85  87  87  GLU GLU A . n 
A 1 86  ARG 86  88  88  ARG ARG A . n 
A 1 87  ARG 87  89  89  ARG ARG A . n 
A 1 88  GLY 88  90  90  GLY GLY A . n 
A 1 89  GLU 89  91  91  GLU GLU A . n 
A 1 90  GLU 90  92  92  GLU GLU A . n 
A 1 91  ALA 91  93  93  ALA ALA A . n 
A 1 92  ASN 92  94  94  ASN ASN A . n 
A 1 93  GLN 93  95  95  GLN GLN A . n 
A 1 94  VAL 94  96  96  VAL VAL A . n 
A 1 95  PHE 95  97  97  PHE PHE A . n 
A 1 96  GLY 96  98  98  GLY GLY A . n 
A 1 97  ASN 97  99  99  ASN ASN A . n 
A 1 98  ILE 98  100 100 ILE ILE A . n 
A 1 99  LEU 99  101 101 LEU LEU A . n 
A 1 100 THR 100 102 102 THR THR A . n 
A 1 101 VAL 101 103 103 VAL VAL A . n 
A 1 102 ILE 102 104 104 ILE ILE A . n 
A 1 103 LEU 103 105 105 LEU LEU A . n 
A 1 104 VAL 104 106 106 VAL VAL A . n 
A 1 105 LEU 105 107 107 LEU LEU A . n 
A 1 106 SER 106 108 108 SER SER A . n 
A 1 107 VAL 107 109 109 VAL VAL A . n 
A 1 108 ILE 108 110 110 ILE ILE A . n 
A 1 109 GLY 109 111 111 GLY GLY A . n 
A 1 110 PHE 110 112 112 PHE PHE A . n 
A 1 111 ILE 111 113 113 ILE ILE A . n 
A 1 112 SER 112 114 114 SER SER A . n 
A 1 113 ALA 113 115 115 ALA ALA A . n 
A 1 114 PHE 114 116 116 PHE PHE A . n 
A 1 115 THR 115 117 117 THR THR A . n 
A 1 116 LEU 116 118 118 LEU LEU A . n 
A 1 117 LEU 117 119 119 LEU LEU A . n 
A 1 118 GLY 118 120 120 GLY GLY A . n 
A 1 119 PRO 119 121 121 PRO PRO A . n 
A 1 120 ALA 120 122 122 ALA ALA A . n 
A 1 121 LEU 121 123 123 LEU LEU A . n 
A 1 122 GLN 122 124 124 GLN GLN A . n 
A 1 123 LEU 123 125 125 LEU LEU A . n 
A 1 124 PHE 124 126 126 PHE PHE A . n 
A 1 125 GLY 125 127 127 GLY GLY A . n 
A 1 126 ALA 126 128 128 ALA ALA A . n 
A 1 127 THR 127 129 129 THR THR A . n 
A 1 128 SER 128 130 130 SER SER A . n 
A 1 129 VAL 129 131 131 VAL VAL A . n 
A 1 130 THR 130 132 132 THR THR A . n 
A 1 131 GLN 131 133 133 GLN GLN A . n 
A 1 132 GLY 132 134 134 GLY GLY A . n 
A 1 133 TYR 133 135 135 TYR TYR A . n 
A 1 134 ALA 134 136 136 ALA ALA A . n 
A 1 135 THR 135 137 137 THR THR A . n 
A 1 136 ASP 136 138 138 ASP ASP A . n 
A 1 137 TYR 137 139 139 TYR TYR A . n 
A 1 138 LEU 138 140 140 LEU LEU A . n 
A 1 139 PHE 139 141 141 PHE PHE A . n 
A 1 140 PRO 140 142 142 PRO PRO A . n 
A 1 141 ILE 141 143 143 ILE ILE A . n 
A 1 142 LEU 142 144 144 LEU LEU A . n 
A 1 143 LEU 143 145 145 LEU LEU A . n 
A 1 144 GLY 144 146 146 GLY GLY A . n 
A 1 145 SER 145 147 147 SER SER A . n 
A 1 146 ILE 146 148 148 ILE ILE A . n 
A 1 147 PHE 147 149 149 PHE PHE A . n 
A 1 148 PHE 148 150 150 PHE PHE A . n 
A 1 149 PHE 149 151 151 PHE PHE A . n 
A 1 150 PHE 150 152 152 PHE PHE A . n 
A 1 151 ALA 151 153 153 ALA ALA A . n 
A 1 152 PHE 152 154 154 PHE PHE A . n 
A 1 153 ALA 153 155 155 ALA ALA A . n 
A 1 154 ALA 154 156 156 ALA ALA A . n 
A 1 155 ASN 155 157 157 ASN ASN A . n 
A 1 156 ASN 156 158 158 ASN ASN A . n 
A 1 157 ILE 157 159 159 ILE ILE A . n 
A 1 158 ILE 158 160 160 ILE ILE A . n 
A 1 159 ARG 159 161 161 ARG ARG A . n 
A 1 160 SER 160 162 162 SER SER A . n 
A 1 161 GLU 161 163 163 GLU GLU A . n 
A 1 162 GLY 162 164 164 GLY GLY A . n 
A 1 163 ASN 163 165 165 ASN ASN A . n 
A 1 164 ALA 164 166 166 ALA ALA A . n 
A 1 165 THR 165 167 167 THR THR A . n 
A 1 166 PHE 166 168 168 PHE PHE A . n 
A 1 167 ALA 167 169 169 ALA ALA A . n 
A 1 168 MET 168 170 170 MET MET A . n 
A 1 169 VAL 169 171 171 VAL VAL A . n 
A 1 170 THR 170 172 172 THR THR A . n 
A 1 171 MET 171 173 173 MET MET A . n 
A 1 172 ILE 172 174 174 ILE ILE A . n 
A 1 173 VAL 173 175 175 VAL VAL A . n 
A 1 174 PRO 174 176 176 PRO PRO A . n 
A 1 175 ALA 175 177 177 ALA ALA A . n 
A 1 176 VAL 176 178 178 VAL VAL A . n 
A 1 177 LEU 177 179 179 LEU LEU A . n 
A 1 178 ASN 178 180 180 ASN ASN A . n 
A 1 179 ILE 179 181 181 ILE ILE A . n 
A 1 180 LEU 180 182 182 LEU LEU A . n 
A 1 181 LEU 181 183 183 LEU LEU A . n 
A 1 182 ASP 182 184 184 ASP ASP A . n 
A 1 183 VAL 183 185 185 VAL VAL A . n 
A 1 184 LEU 184 186 186 LEU LEU A . n 
A 1 185 PHE 185 187 187 PHE PHE A . n 
A 1 186 ILE 186 188 188 ILE ILE A . n 
A 1 187 PHE 187 189 189 PHE PHE A . n 
A 1 188 GLY 188 190 190 GLY GLY A . n 
A 1 189 LEU 189 191 191 LEU LEU A . n 
A 1 190 ASN 190 192 192 ASN ASN A . n 
A 1 191 MET 191 193 193 MET MET A . n 
A 1 192 GLY 192 194 194 GLY GLY A . n 
A 1 193 VAL 193 195 195 VAL VAL A . n 
A 1 194 LEU 194 196 196 LEU LEU A . n 
A 1 195 GLY 195 197 197 GLY GLY A . n 
A 1 196 ALA 196 198 198 ALA ALA A . n 
A 1 197 SER 197 199 199 SER SER A . n 
A 1 198 ILE 198 200 200 ILE ILE A . n 
A 1 199 ALA 199 201 201 ALA ALA A . n 
A 1 200 THR 200 202 202 THR THR A . n 
A 1 201 VAL 201 203 203 VAL VAL A . n 
A 1 202 ILE 202 204 204 ILE ILE A . n 
A 1 203 ALA 203 205 205 ALA ALA A . n 
A 1 204 GLN 204 206 206 GLN GLN A . n 
A 1 205 ALA 205 207 207 ALA ALA A . n 
A 1 206 SER 206 208 208 SER SER A . n 
A 1 207 VAL 207 209 209 VAL VAL A . n 
A 1 208 THR 208 210 210 THR THR A . n 
A 1 209 GLY 209 211 211 GLY GLY A . n 
A 1 210 LEU 210 212 212 LEU LEU A . n 
A 1 211 VAL 211 213 213 VAL VAL A . n 
A 1 212 LEU 212 214 214 LEU LEU A . n 
A 1 213 ARG 213 215 215 ARG ARG A . n 
A 1 214 TYR 214 216 216 TYR TYR A . n 
A 1 215 PHE 215 217 217 PHE PHE A . n 
A 1 216 LEU 216 218 218 LEU LEU A . n 
A 1 217 THR 217 219 219 THR THR A . n 
A 1 218 GLY 218 220 220 GLY GLY A . n 
A 1 219 LYS 219 221 221 LYS LYS A . n 
A 1 220 SER 220 222 222 SER SER A . n 
A 1 221 THR 221 223 223 THR THR A . n 
A 1 222 LEU 222 224 224 LEU LEU A . n 
A 1 223 SER 223 225 225 SER SER A . n 
A 1 224 LEU 224 226 226 LEU LEU A . n 
A 1 225 HIS 225 227 227 HIS HIS A . n 
A 1 226 TRP 226 228 228 TRP TRP A . n 
A 1 227 SER 227 229 229 SER SER A . n 
A 1 228 ASP 228 230 230 ASP ASP A . n 
A 1 229 LEU 229 231 231 LEU LEU A . n 
A 1 230 ARG 230 232 232 ARG ARG A . n 
A 1 231 MET 231 233 233 MET MET A . n 
A 1 232 LYS 232 234 234 LYS LYS A . n 
A 1 233 GLY 233 235 235 GLY GLY A . n 
A 1 234 SER 234 236 236 SER SER A . n 
A 1 235 VAL 235 237 237 VAL VAL A . n 
A 1 236 ILE 236 238 238 ILE ILE A . n 
A 1 237 LYS 237 239 239 LYS LYS A . n 
A 1 238 GLU 238 240 240 GLU GLU A . n 
A 1 239 VAL 239 241 241 VAL VAL A . n 
A 1 240 CYS 240 242 242 CYS CYS A . n 
A 1 241 LEU 241 243 243 LEU LEU A . n 
A 1 242 VAL 242 244 244 VAL VAL A . n 
A 1 243 GLY 243 245 245 GLY GLY A . n 
A 1 244 LEU 244 246 246 LEU LEU A . n 
A 1 245 PRO 245 247 247 PRO PRO A . n 
A 1 246 ALA 246 248 248 ALA ALA A . n 
A 1 247 PHE 247 249 249 PHE PHE A . n 
A 1 248 VAL 248 250 250 VAL VAL A . n 
A 1 249 GLN 249 251 251 GLN GLN A . n 
A 1 250 GLN 250 252 252 GLN GLN A . n 
A 1 251 SER 251 253 253 SER SER A . n 
A 1 252 SER 252 254 254 SER SER A . n 
A 1 253 ALA 253 255 255 ALA ALA A . n 
A 1 254 SER 254 256 256 SER SER A . n 
A 1 255 LEU 255 257 257 LEU LEU A . n 
A 1 256 MET 256 258 258 MET MET A . n 
A 1 257 MET 257 259 259 MET MET A . n 
A 1 258 ILE 258 260 260 ILE ILE A . n 
A 1 259 ALA 259 261 261 ALA ALA A . n 
A 1 260 ILE 260 262 262 ILE ILE A . n 
A 1 261 ASN 261 263 263 ASN ASN A . n 
A 1 262 SER 262 264 264 SER SER A . n 
A 1 263 MET 263 265 265 MET MET A . n 
A 1 264 LEU 264 266 266 LEU LEU A . n 
A 1 265 LEU 265 267 267 LEU LEU A . n 
A 1 266 ARG 266 268 268 ARG ARG A . n 
A 1 267 PHE 267 269 269 PHE PHE A . n 
A 1 268 GLY 268 270 270 GLY GLY A . n 
A 1 269 SER 269 271 271 SER SER A . n 
A 1 270 ASP 270 272 272 ASP ASP A . n 
A 1 271 PHE 271 273 273 PHE PHE A . n 
A 1 272 TYR 272 274 274 TYR TYR A . n 
A 1 273 VAL 273 275 275 VAL VAL A . n 
A 1 274 GLY 274 276 276 GLY GLY A . n 
A 1 275 VAL 275 277 277 VAL VAL A . n 
A 1 276 PHE 276 278 278 PHE PHE A . n 
A 1 277 GLY 277 279 279 GLY GLY A . n 
A 1 278 LEU 278 280 280 LEU LEU A . n 
A 1 279 VAL 279 281 281 VAL VAL A . n 
A 1 280 GLN 280 282 282 GLN GLN A . n 
A 1 281 ARG 281 283 283 ARG ARG A . n 
A 1 282 ILE 282 284 284 ILE ILE A . n 
A 1 283 MET 283 285 285 MET MET A . n 
A 1 284 MET 284 286 286 MET MET A . n 
A 1 285 PHE 285 287 287 PHE PHE A . n 
A 1 286 VAL 286 288 288 VAL VAL A . n 
A 1 287 MET 287 289 289 MET MET A . n 
A 1 288 MET 288 290 290 MET MET A . n 
A 1 289 PRO 289 291 291 PRO PRO A . n 
A 1 290 MET 290 292 292 MET MET A . n 
A 1 291 MET 291 293 293 MET MET A . n 
A 1 292 GLY 292 294 294 GLY GLY A . n 
A 1 293 ILE 293 295 295 ILE ILE A . n 
A 1 294 MET 294 296 296 MET MET A . n 
A 1 295 GLN 295 297 297 GLN GLN A . n 
A 1 296 ALA 296 298 298 ALA ALA A . n 
A 1 297 MET 297 299 299 MET MET A . n 
A 1 298 GLN 298 300 300 GLN GLN A . n 
A 1 299 PRO 299 301 301 PRO PRO A . n 
A 1 300 ILE 300 302 302 ILE ILE A . n 
A 1 301 VAL 301 303 303 VAL VAL A . n 
A 1 302 GLY 302 304 304 GLY GLY A . n 
A 1 303 TYR 303 305 305 TYR TYR A . n 
A 1 304 ASN 304 306 306 ASN ASN A . n 
A 1 305 TYR 305 307 307 TYR TYR A . n 
A 1 306 GLY 306 308 308 GLY GLY A . n 
A 1 307 ALA 307 309 309 ALA ALA A . n 
A 1 308 LYS 308 310 310 LYS LYS A . n 
A 1 309 GLN 309 311 311 GLN GLN A . n 
A 1 310 TYR 310 312 312 TYR TYR A . n 
A 1 311 SER 311 313 313 SER SER A . n 
A 1 312 ARG 312 314 314 ARG ARG A . n 
A 1 313 LEU 313 315 315 LEU LEU A . n 
A 1 314 ARG 314 316 316 ARG ARG A . n 
A 1 315 GLU 315 317 317 GLU GLU A . n 
A 1 316 THR 316 318 318 THR THR A . n 
A 1 317 VAL 317 319 319 VAL VAL A . n 
A 1 318 MET 318 320 320 MET MET A . n 
A 1 319 LEU 319 321 321 LEU LEU A . n 
A 1 320 GLY 320 322 322 GLY GLY A . n 
A 1 321 PHE 321 323 323 PHE PHE A . n 
A 1 322 LYS 322 324 324 LYS LYS A . n 
A 1 323 VAL 323 325 325 VAL VAL A . n 
A 1 324 ALA 324 326 326 ALA ALA A . n 
A 1 325 THR 325 327 327 THR THR A . n 
A 1 326 ILE 326 328 328 ILE ILE A . n 
A 1 327 PHE 327 329 329 PHE PHE A . n 
A 1 328 SER 328 330 330 SER SER A . n 
A 1 329 ILE 329 331 331 ILE ILE A . n 
A 1 330 GLY 330 332 332 GLY GLY A . n 
A 1 331 ILE 331 333 333 ILE ILE A . n 
A 1 332 PHE 332 334 334 PHE PHE A . n 
A 1 333 ALA 333 335 335 ALA ALA A . n 
A 1 334 LEU 334 336 336 LEU LEU A . n 
A 1 335 LEU 335 337 337 LEU LEU A . n 
A 1 336 MET 336 338 338 MET MET A . n 
A 1 337 LEU 337 339 339 LEU LEU A . n 
A 1 338 PHE 338 340 340 PHE PHE A . n 
A 1 339 PRO 339 341 341 PRO PRO A . n 
A 1 340 GLU 340 342 342 GLU GLU A . n 
A 1 341 ALA 341 343 343 ALA ALA A . n 
A 1 342 LEU 342 344 344 LEU LEU A . n 
A 1 343 LEU 343 345 345 LEU LEU A . n 
A 1 344 ARG 344 346 346 ARG ARG A . n 
A 1 345 VAL 345 347 347 VAL VAL A . n 
A 1 346 PHE 346 348 348 PHE PHE A . n 
A 1 347 THR 347 349 349 THR THR A . n 
A 1 348 ALA 348 350 350 ALA ALA A . n 
A 1 349 ASP 349 351 351 ASP ASP A . n 
A 1 350 ARG 350 352 352 ARG ARG A . n 
A 1 351 GLU 351 353 353 GLU GLU A . n 
A 1 352 VAL 352 354 354 VAL VAL A . n 
A 1 353 ILE 353 355 355 ILE ILE A . n 
A 1 354 GLN 354 356 356 GLN GLN A . n 
A 1 355 ALA 355 357 357 ALA ALA A . n 
A 1 356 GLY 356 358 358 GLY GLY A . n 
A 1 357 VAL 357 359 359 VAL VAL A . n 
A 1 358 SER 358 360 360 SER SER A . n 
A 1 359 ALA 359 361 361 ALA ALA A . n 
A 1 360 MET 360 362 362 MET MET A . n 
A 1 361 HIS 361 363 363 HIS HIS A . n 
A 1 362 ILE 362 364 364 ILE ILE A . n 
A 1 363 LEU 363 365 365 LEU LEU A . n 
A 1 364 PHE 364 366 366 PHE PHE A . n 
A 1 365 CYS 365 367 367 CYS CYS A . n 
A 1 366 VAL 366 368 368 VAL VAL A . n 
A 1 367 THR 367 369 369 THR THR A . n 
A 1 368 PHE 368 370 370 PHE PHE A . n 
A 1 369 LEU 369 371 371 LEU LEU A . n 
A 1 370 ILE 370 372 372 ILE ILE A . n 
A 1 371 GLY 371 373 373 GLY GLY A . n 
A 1 372 ALA 372 374 374 ALA ALA A . n 
A 1 373 GLN 373 375 375 GLN GLN A . n 
A 1 374 ILE 374 376 376 ILE ILE A . n 
A 1 375 VAL 375 377 377 VAL VAL A . n 
A 1 376 ALA 376 378 378 ALA ALA A . n 
A 1 377 GLY 377 379 379 GLY GLY A . n 
A 1 378 GLY 378 380 380 GLY GLY A . n 
A 1 379 LEU 379 381 381 LEU LEU A . n 
A 1 380 TYR 380 382 382 TYR TYR A . n 
A 1 381 GLN 381 383 383 GLN GLN A . n 
A 1 382 SER 382 384 384 SER SER A . n 
A 1 383 LEU 383 385 385 LEU LEU A . n 
A 1 384 GLY 384 386 386 GLY GLY A . n 
A 1 385 LYS 385 387 387 LYS LYS A . n 
A 1 386 PRO 386 388 388 PRO PRO A . n 
A 1 387 LYS 387 389 389 LYS LYS A . n 
A 1 388 GLN 388 390 390 GLN GLN A . n 
A 1 389 ALA 389 391 391 ALA ALA A . n 
A 1 390 LEU 390 392 392 LEU LEU A . n 
A 1 391 ILE 391 393 393 ILE ILE A . n 
A 1 392 LEU 392 394 394 LEU LEU A . n 
A 1 393 SER 393 395 395 SER SER A . n 
A 1 394 LEU 394 396 396 LEU LEU A . n 
A 1 395 SER 395 397 397 SER SER A . n 
A 1 396 ARG 396 398 398 ARG ARG A . n 
A 1 397 GLN 397 399 399 GLN GLN A . n 
A 1 398 ILE 398 400 400 ILE ILE A . n 
A 1 399 ILE 399 401 401 ILE ILE A . n 
A 1 400 PHE 400 402 402 PHE PHE A . n 
A 1 401 LEU 401 403 403 LEU LEU A . n 
A 1 402 ILE 402 404 404 ILE ILE A . n 
A 1 403 PRO 403 405 405 PRO PRO A . n 
A 1 404 LEU 404 406 406 LEU LEU A . n 
A 1 405 VAL 405 407 407 VAL VAL A . n 
A 1 406 LEU 406 408 408 LEU LEU A . n 
A 1 407 ILE 407 409 409 ILE ILE A . n 
A 1 408 LEU 408 410 410 LEU LEU A . n 
A 1 409 PRO 409 411 411 PRO PRO A . n 
A 1 410 HIS 410 412 412 HIS HIS A . n 
A 1 411 ILE 411 413 413 ILE ILE A . n 
A 1 412 PHE 412 414 414 PHE PHE A . n 
A 1 413 GLY 413 415 415 GLY GLY A . n 
A 1 414 LEU 414 416 416 LEU LEU A . n 
A 1 415 SER 415 417 417 SER SER A . n 
A 1 416 GLY 416 418 418 GLY GLY A . n 
A 1 417 VAL 417 419 419 VAL VAL A . n 
A 1 418 TRP 418 420 420 TRP TRP A . n 
A 1 419 TRP 419 421 421 TRP TRP A . n 
A 1 420 ALA 420 422 422 ALA ALA A . n 
A 1 421 PHE 421 423 423 PHE PHE A . n 
A 1 422 PRO 422 424 424 PRO PRO A . n 
A 1 423 ILE 423 425 425 ILE ILE A . n 
A 1 424 ALA 424 426 426 ALA ALA A . n 
A 1 425 ASP 425 427 427 ASP ASP A . n 
A 1 426 VAL 426 428 428 VAL VAL A . n 
A 1 427 LEU 427 429 429 LEU LEU A . n 
A 1 428 SER 428 430 430 SER SER A . n 
A 1 429 PHE 429 431 431 PHE PHE A . n 
A 1 430 ILE 430 432 432 ILE ILE A . n 
A 1 431 LEU 431 433 433 LEU LEU A . n 
A 1 432 THR 432 434 434 THR THR A . n 
A 1 433 VAL 433 435 435 VAL VAL A . n 
A 1 434 VAL 434 436 436 VAL VAL A . n 
A 1 435 LEU 435 437 437 LEU LEU A . n 
A 1 436 LEU 436 438 438 LEU LEU A . n 
A 1 437 TYR 437 439 439 TYR TYR A . n 
A 1 438 ARG 438 440 440 ARG ARG A . n 
A 1 439 ASP 439 441 441 ASP ASP A . n 
A 1 440 ARG 440 442 442 ARG ARG A . n 
A 1 441 ASN 441 443 443 ASN ASN A . n 
A 1 442 VAL 442 444 444 VAL VAL A . n 
A 1 443 PHE 443 445 445 PHE PHE A . n 
A 1 444 PHE 444 446 446 PHE PHE A . n 
A 1 445 LEU 445 447 447 LEU LEU A . n 
A 1 446 LYS 446 448 448 LYS LYS A . n 
# 
_pdbx_nonpoly_scheme.asym_id         B 
_pdbx_nonpoly_scheme.entity_id       2 
_pdbx_nonpoly_scheme.mon_id          RHQ 
_pdbx_nonpoly_scheme.ndb_seq_num     1 
_pdbx_nonpoly_scheme.pdb_seq_num     501 
_pdbx_nonpoly_scheme.auth_seq_num    449 
_pdbx_nonpoly_scheme.pdb_mon_id      RHQ 
_pdbx_nonpoly_scheme.auth_mon_id     RHQ 
_pdbx_nonpoly_scheme.pdb_strand_id   A 
_pdbx_nonpoly_scheme.pdb_ins_code    . 
# 
loop_
_software.name 
_software.classification 
_software.version 
_software.citation_id 
_software.pdbx_ordinal 
HKL-2000 'data collection' .   ? 1 
SHARP    phasing           .   ? 2 
REFMAC   refinement        5.0 ? 3 
HKL-2000 'data reduction'  .   ? 4 
HKL-2000 'data scaling'    .   ? 5 
# 
_cell.entry_id           4LZ9 
_cell.length_a           90.181 
_cell.length_b           93.887 
_cell.length_c           102.267 
_cell.angle_alpha        90.00 
_cell.angle_beta         90.00 
_cell.angle_gamma        90.00 
_cell.Z_PDB              4 
_cell.pdbx_unique_axis   ? 
_cell.length_a_esd       ? 
_cell.length_b_esd       ? 
_cell.length_c_esd       ? 
_cell.angle_alpha_esd    ? 
_cell.angle_beta_esd     ? 
_cell.angle_gamma_esd    ? 
# 
_symmetry.entry_id                         4LZ9 
_symmetry.space_group_name_H-M             'P 21 21 21' 
_symmetry.pdbx_full_space_group_name_H-M   ? 
_symmetry.cell_setting                     ? 
_symmetry.Int_Tables_number                19 
_symmetry.space_group_name_Hall            ? 
# 
_exptl.entry_id          4LZ9 
_exptl.method            'X-RAY DIFFRACTION' 
_exptl.crystals_number   1 
# 
_exptl_crystal.id                    1 
_exptl_crystal.density_meas          ? 
_exptl_crystal.density_Matthews      4.45 
_exptl_crystal.density_percent_sol   72.38 
_exptl_crystal.description           ? 
_exptl_crystal.F_000                 ? 
_exptl_crystal.preparation           ? 
# 
_exptl_crystal_grow.crystal_id      1 
_exptl_crystal_grow.method          'VAPOR DIFFUSION' 
_exptl_crystal_grow.temp            293 
_exptl_crystal_grow.temp_details    ? 
_exptl_crystal_grow.pH              8.5 
_exptl_crystal_grow.pdbx_details    'PEG, NaCl, pH 8.5, VAPOR DIFFUSION, temperature 293K' 
_exptl_crystal_grow.pdbx_pH_range   ? 
# 
_diffrn.id                     1 
_diffrn.ambient_temp           100 
_diffrn.ambient_temp_details   ? 
_diffrn.crystal_id             1 
# 
_diffrn_detector.diffrn_id              1 
_diffrn_detector.detector               CCD 
_diffrn_detector.type                   'ADSC QUANTUM 4' 
_diffrn_detector.pdbx_collection_date   2013-01-01 
_diffrn_detector.details                ? 
# 
_diffrn_radiation.diffrn_id                        1 
_diffrn_radiation.wavelength_id                    1 
_diffrn_radiation.pdbx_monochromatic_or_laue_m_l   M 
_diffrn_radiation.monochromator                    ? 
_diffrn_radiation.pdbx_diffrn_protocol             'SINGLE WAVELENGTH' 
_diffrn_radiation.pdbx_scattering_type             x-ray 
# 
_diffrn_radiation_wavelength.id           1 
_diffrn_radiation_wavelength.wavelength   1.0 
_diffrn_radiation_wavelength.wt           1.0 
# 
_diffrn_source.diffrn_id                   1 
_diffrn_source.source                      SYNCHROTRON 
_diffrn_source.type                        'APS BEAMLINE 23-ID-D' 
_diffrn_source.pdbx_synchrotron_site       APS 
_diffrn_source.pdbx_synchrotron_beamline   23-ID-D 
_diffrn_source.pdbx_wavelength             ? 
_diffrn_source.pdbx_wavelength_list        1.0 
# 
_reflns.entry_id                     4LZ9 
_reflns.observed_criterion_sigma_I   2 
_reflns.observed_criterion_sigma_F   2 
_reflns.d_resolution_low             60 
_reflns.d_resolution_high            3.7 
_reflns.number_obs                   9220 
_reflns.number_all                   9715 
_reflns.percent_possible_obs         95 
_reflns.pdbx_Rmerge_I_obs            ? 
_reflns.pdbx_Rsym_value              0.066 
_reflns.pdbx_netI_over_sigmaI        ? 
_reflns.B_iso_Wilson_estimate        ? 
_reflns.pdbx_redundancy              ? 
_reflns.R_free_details               ? 
_reflns.limit_h_max                  ? 
_reflns.limit_h_min                  ? 
_reflns.limit_k_max                  ? 
_reflns.limit_k_min                  ? 
_reflns.limit_l_max                  ? 
_reflns.limit_l_min                  ? 
_reflns.observed_criterion_F_max     ? 
_reflns.observed_criterion_F_min     ? 
_reflns.pdbx_chi_squared             ? 
_reflns.pdbx_scaling_rejects         ? 
_reflns.pdbx_ordinal                 1 
_reflns.pdbx_diffrn_id               1 
# 
_reflns_shell.d_res_high                  3.7 
_reflns_shell.d_res_low                   ? 
_reflns_shell.percent_possible_all        95 
_reflns_shell.Rmerge_I_obs                ? 
_reflns_shell.pdbx_Rsym_value             ? 
_reflns_shell.meanI_over_sigI_obs         ? 
_reflns_shell.pdbx_redundancy             ? 
_reflns_shell.percent_possible_obs        ? 
_reflns_shell.number_unique_all           ? 
_reflns_shell.number_measured_all         ? 
_reflns_shell.number_measured_obs         ? 
_reflns_shell.number_unique_obs           ? 
_reflns_shell.pdbx_chi_squared            ? 
_reflns_shell.pdbx_rejects                ? 
_reflns_shell.pdbx_netI_over_sigmaI_obs   ? 
_reflns_shell.number_possible             ? 
_reflns_shell.Rmerge_F_all                ? 
_reflns_shell.Rmerge_F_obs                ? 
_reflns_shell.Rmerge_I_all                ? 
_reflns_shell.meanI_over_sigI_all         ? 
_reflns_shell.pdbx_Rrim_I_all             ? 
_reflns_shell.pdbx_Rpim_I_all             ? 
_reflns_shell.pdbx_ordinal                1 
_reflns_shell.pdbx_diffrn_id              1 
# 
_refine.entry_id                                 4LZ9 
_refine.ls_number_reflns_obs                     8797 
_refine.ls_number_reflns_all                     9350 
_refine.pdbx_ls_sigma_I                          2 
_refine.pdbx_ls_sigma_F                          2 
_refine.pdbx_data_cutoff_high_absF               ? 
_refine.pdbx_data_cutoff_low_absF                ? 
_refine.pdbx_data_cutoff_high_rms_absF           ? 
_refine.ls_d_res_low                             20 
_refine.ls_d_res_high                            3.7 
_refine.ls_percent_reflns_obs                    95 
_refine.ls_R_factor_obs                          0.3 
_refine.ls_R_factor_all                          ? 
_refine.ls_R_factor_R_work                       0.29 
_refine.ls_R_factor_R_free                       0.30 
_refine.ls_R_factor_R_free_error                 ? 
_refine.ls_R_factor_R_free_error_details         ? 
_refine.ls_percent_reflns_R_free                 ? 
_refine.ls_number_reflns_R_free                  440 
_refine.ls_number_parameters                     ? 
_refine.ls_number_restraints                     ? 
_refine.occupancy_min                            ? 
_refine.occupancy_max                            ? 
_refine.correlation_coeff_Fo_to_Fc               ? 
_refine.correlation_coeff_Fo_to_Fc_free          ? 
_refine.B_iso_mean                               ? 
_refine.aniso_B[1][1]                            ? 
_refine.aniso_B[2][2]                            ? 
_refine.aniso_B[3][3]                            ? 
_refine.aniso_B[1][2]                            ? 
_refine.aniso_B[1][3]                            ? 
_refine.aniso_B[2][3]                            ? 
_refine.solvent_model_details                    ? 
_refine.solvent_model_param_ksol                 ? 
_refine.solvent_model_param_bsol                 ? 
_refine.pdbx_solvent_vdw_probe_radii             ? 
_refine.pdbx_solvent_ion_probe_radii             ? 
_refine.pdbx_solvent_shrinkage_radii             ? 
_refine.pdbx_ls_cross_valid_method               ? 
_refine.details                                  'The coordinates contain only a CA trace.' 
_refine.pdbx_starting_model                      ? 
_refine.pdbx_method_to_determine_struct          'AB INITIO PHASING' 
_refine.pdbx_isotropic_thermal_model             ? 
_refine.pdbx_stereochemistry_target_values       'Engh & Huber' 
_refine.pdbx_stereochem_target_val_spec_case     ? 
_refine.pdbx_R_Free_selection_details            Random 
_refine.pdbx_overall_ESU_R                       ? 
_refine.pdbx_overall_ESU_R_Free                  ? 
_refine.overall_SU_ML                            ? 
_refine.pdbx_overall_phase_error                 ? 
_refine.overall_SU_B                             ? 
_refine.overall_SU_R_Cruickshank_DPI             ? 
_refine.ls_redundancy_reflns_obs                 ? 
_refine.B_iso_min                                ? 
_refine.B_iso_max                                ? 
_refine.overall_SU_R_free                        ? 
_refine.ls_wR_factor_R_free                      ? 
_refine.ls_wR_factor_R_work                      ? 
_refine.overall_FOM_free_R_set                   ? 
_refine.overall_FOM_work_R_set                   ? 
_refine.pdbx_diffrn_id                           1 
_refine.pdbx_refine_id                           'X-RAY DIFFRACTION' 
_refine.pdbx_TLS_residual_ADP_flag               ? 
_refine.pdbx_overall_SU_R_free_Cruickshank_DPI   ? 
_refine.pdbx_overall_SU_R_Blow_DPI               ? 
_refine.pdbx_overall_SU_R_free_Blow_DPI          ? 
# 
_refine_hist.pdbx_refine_id                   'X-RAY DIFFRACTION' 
_refine_hist.cycle_id                         LAST 
_refine_hist.pdbx_number_atoms_protein        446 
_refine_hist.pdbx_number_atoms_nucleic_acid   0 
_refine_hist.pdbx_number_atoms_ligand         33 
_refine_hist.number_atoms_solvent             0 
_refine_hist.number_atoms_total               479 
_refine_hist.d_res_high                       3.7 
_refine_hist.d_res_low                        20 
# 
loop_
_refine_ls_restr.type 
_refine_ls_restr.dev_ideal 
_refine_ls_restr.dev_ideal_target 
_refine_ls_restr.weight 
_refine_ls_restr.number 
_refine_ls_restr.pdbx_restraint_function 
_refine_ls_restr.pdbx_refine_id 
r_angle_refined_deg 2     ? ? ? ? 'X-RAY DIFFRACTION' 
r_bond_refined_d    0.011 ? ? ? ? 'X-RAY DIFFRACTION' 
# 
_struct.entry_id                  4LZ9 
_struct.title                     'Structure of MATE multidrug transporter DinF-BH in complex with R6G' 
_struct.pdbx_model_details        ? 
_struct.pdbx_CASP_flag            ? 
_struct.pdbx_model_type_details   ? 
# 
_struct_keywords.entry_id        4LZ9 
_struct_keywords.pdbx_keywords   'TRANSPORT PROTEIN' 
_struct_keywords.text            'multidrug transporter, TRANSPORT PROTEIN' 
# 
loop_
_struct_asym.id 
_struct_asym.pdbx_blank_PDB_chainid_flag 
_struct_asym.pdbx_modified 
_struct_asym.entity_id 
_struct_asym.details 
A N N 1 ? 
B N N 2 ? 
# 
_struct_ref.id                         1 
_struct_ref.db_name                    UNP 
_struct_ref.db_code                    Q9KAX3_BACHD 
_struct_ref.pdbx_db_accession          Q9KAX3 
_struct_ref.entity_id                  1 
_struct_ref.pdbx_seq_one_letter_code   
;QKQQSERLGTEAIPKLLRSLSIPAMIGMFVMALYNVVDTIFISYAVGIEGVAGVTIAFPIMMIMMSMAGALGIGGASVIS
RRLGERRGEEANQVFGNILTVILVLSVIGFISAFTLLGPALQLFGATSVTQGYATDYLFPILLGSIFFFFAFAANNIIRS
EGNATFAMVTMIVPAVLNILLDVLFIFGLNMGVLGASIATVIAQASVTGLVLRYFLTGKSTLSLHWSDLRMKGSVIKEVC
LVGLPAFVQQSSASLMMIAINSMLLRFGSDFYVGVFGLVQRIMMFVMMPMMGIMQAMQPIVGYNYGAKQYSRLRETVMLG
FKVATIFSIGIFALLMLFPEALLRVFTADREVIQAGVSAMHILFCVTFLIGAQIVAGGLYQSLGKPKQALILSLSRQIIF
LIPLVLILPHIFGLSGVWWAFPIADVLSFILTVVLLYRDRNVFFLK
;
_struct_ref.pdbx_align_begin           3 
_struct_ref.pdbx_db_isoform            ? 
# 
_struct_ref_seq.align_id                      1 
_struct_ref_seq.ref_id                        1 
_struct_ref_seq.pdbx_PDB_id_code              4LZ9 
_struct_ref_seq.pdbx_strand_id                A 
_struct_ref_seq.seq_align_beg                 1 
_struct_ref_seq.pdbx_seq_align_beg_ins_code   ? 
_struct_ref_seq.seq_align_end                 446 
_struct_ref_seq.pdbx_seq_align_end_ins_code   ? 
_struct_ref_seq.pdbx_db_accession             Q9KAX3 
_struct_ref_seq.db_align_beg                  3 
_struct_ref_seq.pdbx_db_align_beg_ins_code    ? 
_struct_ref_seq.db_align_end                  448 
_struct_ref_seq.pdbx_db_align_end_ins_code    ? 
_struct_ref_seq.pdbx_auth_seq_align_beg       3 
_struct_ref_seq.pdbx_auth_seq_align_end       448 
# 
_pdbx_struct_assembly.id                   1 
_pdbx_struct_assembly.details              author_defined_assembly 
_pdbx_struct_assembly.method_details       ? 
_pdbx_struct_assembly.oligomeric_details   monomeric 
_pdbx_struct_assembly.oligomeric_count     1 
# 
_pdbx_struct_assembly_gen.assembly_id       1 
_pdbx_struct_assembly_gen.oper_expression   1 
_pdbx_struct_assembly_gen.asym_id_list      A,B 
# 
_pdbx_struct_oper_list.id                   1 
_pdbx_struct_oper_list.type                 'identity operation' 
_pdbx_struct_oper_list.name                 1_555 
_pdbx_struct_oper_list.symmetry_operation   x,y,z 
_pdbx_struct_oper_list.matrix[1][1]         1.0000000000 
_pdbx_struct_oper_list.matrix[1][2]         0.0000000000 
_pdbx_struct_oper_list.matrix[1][3]         0.0000000000 
_pdbx_struct_oper_list.vector[1]            0.0000000000 
_pdbx_struct_oper_list.matrix[2][1]         0.0000000000 
_pdbx_struct_oper_list.matrix[2][2]         1.0000000000 
_pdbx_struct_oper_list.matrix[2][3]         0.0000000000 
_pdbx_struct_oper_list.vector[2]            0.0000000000 
_pdbx_struct_oper_list.matrix[3][1]         0.0000000000 
_pdbx_struct_oper_list.matrix[3][2]         0.0000000000 
_pdbx_struct_oper_list.matrix[3][3]         1.0000000000 
_pdbx_struct_oper_list.vector[3]            0.0000000000 
# 
_struct_biol.id        1 
_struct_biol.details   ? 
# 
_struct_site.id                   AC1 
_struct_site.pdbx_evidence_code   Software 
_struct_site.pdbx_auth_asym_id    A 
_struct_site.pdbx_auth_comp_id    RHQ 
_struct_site.pdbx_auth_seq_id     501 
_struct_site.pdbx_auth_ins_code   ? 
_struct_site.pdbx_num_residues    1 
_struct_site.details              'BINDING SITE FOR RESIDUE RHQ A 501' 
# 
_struct_site_gen.id                   1 
_struct_site_gen.site_id              AC1 
_struct_site_gen.pdbx_num_res         1 
_struct_site_gen.label_comp_id        ALA 
_struct_site_gen.label_asym_id        A 
_struct_site_gen.label_seq_id         32 
_struct_site_gen.pdbx_auth_ins_code   ? 
_struct_site_gen.auth_comp_id         ALA 
_struct_site_gen.auth_asym_id         A 
_struct_site_gen.auth_seq_id          34 
_struct_site_gen.label_atom_id        . 
_struct_site_gen.label_alt_id         ? 
_struct_site_gen.symmetry             1_555 
_struct_site_gen.details              ? 
# 
loop_
_chem_comp_atom.comp_id 
_chem_comp_atom.atom_id 
_chem_comp_atom.type_symbol 
_chem_comp_atom.pdbx_aromatic_flag 
_chem_comp_atom.pdbx_stereo_config 
_chem_comp_atom.pdbx_ordinal 
ALA N    N N N 1   
ALA CA   C N S 2   
ALA C    C N N 3   
ALA O    O N N 4   
ALA CB   C N N 5   
ALA OXT  O N N 6   
ALA H    H N N 7   
ALA H2   H N N 8   
ALA HA   H N N 9   
ALA HB1  H N N 10  
ALA HB2  H N N 11  
ALA HB3  H N N 12  
ALA HXT  H N N 13  
ARG N    N N N 14  
ARG CA   C N S 15  
ARG C    C N N 16  
ARG O    O N N 17  
ARG CB   C N N 18  
ARG CG   C N N 19  
ARG CD   C N N 20  
ARG NE   N N N 21  
ARG CZ   C N N 22  
ARG NH1  N N N 23  
ARG NH2  N N N 24  
ARG OXT  O N N 25  
ARG H    H N N 26  
ARG H2   H N N 27  
ARG HA   H N N 28  
ARG HB2  H N N 29  
ARG HB3  H N N 30  
ARG HG2  H N N 31  
ARG HG3  H N N 32  
ARG HD2  H N N 33  
ARG HD3  H N N 34  
ARG HE   H N N 35  
ARG HH11 H N N 36  
ARG HH12 H N N 37  
ARG HH21 H N N 38  
ARG HH22 H N N 39  
ARG HXT  H N N 40  
ASN N    N N N 41  
ASN CA   C N S 42  
ASN C    C N N 43  
ASN O    O N N 44  
ASN CB   C N N 45  
ASN CG   C N N 46  
ASN OD1  O N N 47  
ASN ND2  N N N 48  
ASN OXT  O N N 49  
ASN H    H N N 50  
ASN H2   H N N 51  
ASN HA   H N N 52  
ASN HB2  H N N 53  
ASN HB3  H N N 54  
ASN HD21 H N N 55  
ASN HD22 H N N 56  
ASN HXT  H N N 57  
ASP N    N N N 58  
ASP CA   C N S 59  
ASP C    C N N 60  
ASP O    O N N 61  
ASP CB   C N N 62  
ASP CG   C N N 63  
ASP OD1  O N N 64  
ASP OD2  O N N 65  
ASP OXT  O N N 66  
ASP H    H N N 67  
ASP H2   H N N 68  
ASP HA   H N N 69  
ASP HB2  H N N 70  
ASP HB3  H N N 71  
ASP HD2  H N N 72  
ASP HXT  H N N 73  
CYS N    N N N 74  
CYS CA   C N R 75  
CYS C    C N N 76  
CYS O    O N N 77  
CYS CB   C N N 78  
CYS SG   S N N 79  
CYS OXT  O N N 80  
CYS H    H N N 81  
CYS H2   H N N 82  
CYS HA   H N N 83  
CYS HB2  H N N 84  
CYS HB3  H N N 85  
CYS HG   H N N 86  
CYS HXT  H N N 87  
GLN N    N N N 88  
GLN CA   C N S 89  
GLN C    C N N 90  
GLN O    O N N 91  
GLN CB   C N N 92  
GLN CG   C N N 93  
GLN CD   C N N 94  
GLN OE1  O N N 95  
GLN NE2  N N N 96  
GLN OXT  O N N 97  
GLN H    H N N 98  
GLN H2   H N N 99  
GLN HA   H N N 100 
GLN HB2  H N N 101 
GLN HB3  H N N 102 
GLN HG2  H N N 103 
GLN HG3  H N N 104 
GLN HE21 H N N 105 
GLN HE22 H N N 106 
GLN HXT  H N N 107 
GLU N    N N N 108 
GLU CA   C N S 109 
GLU C    C N N 110 
GLU O    O N N 111 
GLU CB   C N N 112 
GLU CG   C N N 113 
GLU CD   C N N 114 
GLU OE1  O N N 115 
GLU OE2  O N N 116 
GLU OXT  O N N 117 
GLU H    H N N 118 
GLU H2   H N N 119 
GLU HA   H N N 120 
GLU HB2  H N N 121 
GLU HB3  H N N 122 
GLU HG2  H N N 123 
GLU HG3  H N N 124 
GLU HE2  H N N 125 
GLU HXT  H N N 126 
GLY N    N N N 127 
GLY CA   C N N 128 
GLY C    C N N 129 
GLY O    O N N 130 
GLY OXT  O N N 131 
GLY H    H N N 132 
GLY H2   H N N 133 
GLY HA2  H N N 134 
GLY HA3  H N N 135 
GLY HXT  H N N 136 
HIS N    N N N 137 
HIS CA   C N S 138 
HIS C    C N N 139 
HIS O    O N N 140 
HIS CB   C N N 141 
HIS CG   C Y N 142 
HIS ND1  N Y N 143 
HIS CD2  C Y N 144 
HIS CE1  C Y N 145 
HIS NE2  N Y N 146 
HIS OXT  O N N 147 
HIS H    H N N 148 
HIS H2   H N N 149 
HIS HA   H N N 150 
HIS HB2  H N N 151 
HIS HB3  H N N 152 
HIS HD1  H N N 153 
HIS HD2  H N N 154 
HIS HE1  H N N 155 
HIS HE2  H N N 156 
HIS HXT  H N N 157 
ILE N    N N N 158 
ILE CA   C N S 159 
ILE C    C N N 160 
ILE O    O N N 161 
ILE CB   C N S 162 
ILE CG1  C N N 163 
ILE CG2  C N N 164 
ILE CD1  C N N 165 
ILE OXT  O N N 166 
ILE H    H N N 167 
ILE H2   H N N 168 
ILE HA   H N N 169 
ILE HB   H N N 170 
ILE HG12 H N N 171 
ILE HG13 H N N 172 
ILE HG21 H N N 173 
ILE HG22 H N N 174 
ILE HG23 H N N 175 
ILE HD11 H N N 176 
ILE HD12 H N N 177 
ILE HD13 H N N 178 
ILE HXT  H N N 179 
LEU N    N N N 180 
LEU CA   C N S 181 
LEU C    C N N 182 
LEU O    O N N 183 
LEU CB   C N N 184 
LEU CG   C N N 185 
LEU CD1  C N N 186 
LEU CD2  C N N 187 
LEU OXT  O N N 188 
LEU H    H N N 189 
LEU H2   H N N 190 
LEU HA   H N N 191 
LEU HB2  H N N 192 
LEU HB3  H N N 193 
LEU HG   H N N 194 
LEU HD11 H N N 195 
LEU HD12 H N N 196 
LEU HD13 H N N 197 
LEU HD21 H N N 198 
LEU HD22 H N N 199 
LEU HD23 H N N 200 
LEU HXT  H N N 201 
LYS N    N N N 202 
LYS CA   C N S 203 
LYS C    C N N 204 
LYS O    O N N 205 
LYS CB   C N N 206 
LYS CG   C N N 207 
LYS CD   C N N 208 
LYS CE   C N N 209 
LYS NZ   N N N 210 
LYS OXT  O N N 211 
LYS H    H N N 212 
LYS H2   H N N 213 
LYS HA   H N N 214 
LYS HB2  H N N 215 
LYS HB3  H N N 216 
LYS HG2  H N N 217 
LYS HG3  H N N 218 
LYS HD2  H N N 219 
LYS HD3  H N N 220 
LYS HE2  H N N 221 
LYS HE3  H N N 222 
LYS HZ1  H N N 223 
LYS HZ2  H N N 224 
LYS HZ3  H N N 225 
LYS HXT  H N N 226 
MET N    N N N 227 
MET CA   C N S 228 
MET C    C N N 229 
MET O    O N N 230 
MET CB   C N N 231 
MET CG   C N N 232 
MET SD   S N N 233 
MET CE   C N N 234 
MET OXT  O N N 235 
MET H    H N N 236 
MET H2   H N N 237 
MET HA   H N N 238 
MET HB2  H N N 239 
MET HB3  H N N 240 
MET HG2  H N N 241 
MET HG3  H N N 242 
MET HE1  H N N 243 
MET HE2  H N N 244 
MET HE3  H N N 245 
MET HXT  H N N 246 
PHE N    N N N 247 
PHE CA   C N S 248 
PHE C    C N N 249 
PHE O    O N N 250 
PHE CB   C N N 251 
PHE CG   C Y N 252 
PHE CD1  C Y N 253 
PHE CD2  C Y N 254 
PHE CE1  C Y N 255 
PHE CE2  C Y N 256 
PHE CZ   C Y N 257 
PHE OXT  O N N 258 
PHE H    H N N 259 
PHE H2   H N N 260 
PHE HA   H N N 261 
PHE HB2  H N N 262 
PHE HB3  H N N 263 
PHE HD1  H N N 264 
PHE HD2  H N N 265 
PHE HE1  H N N 266 
PHE HE2  H N N 267 
PHE HZ   H N N 268 
PHE HXT  H N N 269 
PRO N    N N N 270 
PRO CA   C N S 271 
PRO C    C N N 272 
PRO O    O N N 273 
PRO CB   C N N 274 
PRO CG   C N N 275 
PRO CD   C N N 276 
PRO OXT  O N N 277 
PRO H    H N N 278 
PRO HA   H N N 279 
PRO HB2  H N N 280 
PRO HB3  H N N 281 
PRO HG2  H N N 282 
PRO HG3  H N N 283 
PRO HD2  H N N 284 
PRO HD3  H N N 285 
PRO HXT  H N N 286 
RHQ C1   C Y N 287 
RHQ C2   C Y N 288 
RHQ C3   C Y N 289 
RHQ C4   C Y N 290 
RHQ C5   C Y N 291 
RHQ C6   C Y N 292 
RHQ O1   O Y N 293 
RHQ C7   C Y N 294 
RHQ C8   C Y N 295 
RHQ C9   C Y N 296 
RHQ C10  C Y N 297 
RHQ C11  C Y N 298 
RHQ C12  C Y N 299 
RHQ C13  C Y N 300 
RHQ N1   N N N 301 
RHQ C14  C Y N 302 
RHQ C15  C Y N 303 
RHQ C16  C Y N 304 
RHQ C17  C Y N 305 
RHQ C18  C Y N 306 
RHQ C19  C Y N 307 
RHQ C20  C N N 308 
RHQ C21  C N N 309 
RHQ C22  C N N 310 
RHQ C23  C N N 311 
RHQ N2   N N N 312 
RHQ C24  C N N 313 
RHQ C25  C N N 314 
RHQ C26  C N N 315 
RHQ O27  O N N 316 
RHQ O2   O N N 317 
RHQ C28  C N N 318 
RHQ C29  C N N 319 
RHQ H31  H N N 320 
RHQ H61  H N N 321 
RHQ H101 H N N 322 
RHQ H131 H N N 323 
RHQ HN11 H N N 324 
RHQ H151 H N N 325 
RHQ H161 H N N 326 
RHQ H171 H N N 327 
RHQ H181 H N N 328 
RHQ H201 H N N 329 
RHQ H202 H N N 330 
RHQ H203 H N N 331 
RHQ H211 H N N 332 
RHQ H212 H N N 333 
RHQ H213 H N N 334 
RHQ H221 H N N 335 
RHQ H222 H N N 336 
RHQ H231 H N N 337 
RHQ H232 H N N 338 
RHQ H233 H N N 339 
RHQ HN21 H N N 340 
RHQ H241 H N N 341 
RHQ H242 H N N 342 
RHQ H251 H N N 343 
RHQ H252 H N N 344 
RHQ H253 H N N 345 
RHQ H281 H N N 346 
RHQ H282 H N N 347 
RHQ H291 H N N 348 
RHQ H292 H N N 349 
RHQ H293 H N N 350 
SER N    N N N 351 
SER CA   C N S 352 
SER C    C N N 353 
SER O    O N N 354 
SER CB   C N N 355 
SER OG   O N N 356 
SER OXT  O N N 357 
SER H    H N N 358 
SER H2   H N N 359 
SER HA   H N N 360 
SER HB2  H N N 361 
SER HB3  H N N 362 
SER HG   H N N 363 
SER HXT  H N N 364 
THR N    N N N 365 
THR CA   C N S 366 
THR C    C N N 367 
THR O    O N N 368 
THR CB   C N R 369 
THR OG1  O N N 370 
THR CG2  C N N 371 
THR OXT  O N N 372 
THR H    H N N 373 
THR H2   H N N 374 
THR HA   H N N 375 
THR HB   H N N 376 
THR HG1  H N N 377 
THR HG21 H N N 378 
THR HG22 H N N 379 
THR HG23 H N N 380 
THR HXT  H N N 381 
TRP N    N N N 382 
TRP CA   C N S 383 
TRP C    C N N 384 
TRP O    O N N 385 
TRP CB   C N N 386 
TRP CG   C Y N 387 
TRP CD1  C Y N 388 
TRP CD2  C Y N 389 
TRP NE1  N Y N 390 
TRP CE2  C Y N 391 
TRP CE3  C Y N 392 
TRP CZ2  C Y N 393 
TRP CZ3  C Y N 394 
TRP CH2  C Y N 395 
TRP OXT  O N N 396 
TRP H    H N N 397 
TRP H2   H N N 398 
TRP HA   H N N 399 
TRP HB2  H N N 400 
TRP HB3  H N N 401 
TRP HD1  H N N 402 
TRP HE1  H N N 403 
TRP HE3  H N N 404 
TRP HZ2  H N N 405 
TRP HZ3  H N N 406 
TRP HH2  H N N 407 
TRP HXT  H N N 408 
TYR N    N N N 409 
TYR CA   C N S 410 
TYR C    C N N 411 
TYR O    O N N 412 
TYR CB   C N N 413 
TYR CG   C Y N 414 
TYR CD1  C Y N 415 
TYR CD2  C Y N 416 
TYR CE1  C Y N 417 
TYR CE2  C Y N 418 
TYR CZ   C Y N 419 
TYR OH   O N N 420 
TYR OXT  O N N 421 
TYR H    H N N 422 
TYR H2   H N N 423 
TYR HA   H N N 424 
TYR HB2  H N N 425 
TYR HB3  H N N 426 
TYR HD1  H N N 427 
TYR HD2  H N N 428 
TYR HE1  H N N 429 
TYR HE2  H N N 430 
TYR HH   H N N 431 
TYR HXT  H N N 432 
VAL N    N N N 433 
VAL CA   C N S 434 
VAL C    C N N 435 
VAL O    O N N 436 
VAL CB   C N N 437 
VAL CG1  C N N 438 
VAL CG2  C N N 439 
VAL OXT  O N N 440 
VAL H    H N N 441 
VAL H2   H N N 442 
VAL HA   H N N 443 
VAL HB   H N N 444 
VAL HG11 H N N 445 
VAL HG12 H N N 446 
VAL HG13 H N N 447 
VAL HG21 H N N 448 
VAL HG22 H N N 449 
VAL HG23 H N N 450 
VAL HXT  H N N 451 
# 
loop_
_chem_comp_bond.comp_id 
_chem_comp_bond.atom_id_1 
_chem_comp_bond.atom_id_2 
_chem_comp_bond.value_order 
_chem_comp_bond.pdbx_aromatic_flag 
_chem_comp_bond.pdbx_stereo_config 
_chem_comp_bond.pdbx_ordinal 
ALA N   CA   sing N N 1   
ALA N   H    sing N N 2   
ALA N   H2   sing N N 3   
ALA CA  C    sing N N 4   
ALA CA  CB   sing N N 5   
ALA CA  HA   sing N N 6   
ALA C   O    doub N N 7   
ALA C   OXT  sing N N 8   
ALA CB  HB1  sing N N 9   
ALA CB  HB2  sing N N 10  
ALA CB  HB3  sing N N 11  
ALA OXT HXT  sing N N 12  
ARG N   CA   sing N N 13  
ARG N   H    sing N N 14  
ARG N   H2   sing N N 15  
ARG CA  C    sing N N 16  
ARG CA  CB   sing N N 17  
ARG CA  HA   sing N N 18  
ARG C   O    doub N N 19  
ARG C   OXT  sing N N 20  
ARG CB  CG   sing N N 21  
ARG CB  HB2  sing N N 22  
ARG CB  HB3  sing N N 23  
ARG CG  CD   sing N N 24  
ARG CG  HG2  sing N N 25  
ARG CG  HG3  sing N N 26  
ARG CD  NE   sing N N 27  
ARG CD  HD2  sing N N 28  
ARG CD  HD3  sing N N 29  
ARG NE  CZ   sing N N 30  
ARG NE  HE   sing N N 31  
ARG CZ  NH1  sing N N 32  
ARG CZ  NH2  doub N N 33  
ARG NH1 HH11 sing N N 34  
ARG NH1 HH12 sing N N 35  
ARG NH2 HH21 sing N N 36  
ARG NH2 HH22 sing N N 37  
ARG OXT HXT  sing N N 38  
ASN N   CA   sing N N 39  
ASN N   H    sing N N 40  
ASN N   H2   sing N N 41  
ASN CA  C    sing N N 42  
ASN CA  CB   sing N N 43  
ASN CA  HA   sing N N 44  
ASN C   O    doub N N 45  
ASN C   OXT  sing N N 46  
ASN CB  CG   sing N N 47  
ASN CB  HB2  sing N N 48  
ASN CB  HB3  sing N N 49  
ASN CG  OD1  doub N N 50  
ASN CG  ND2  sing N N 51  
ASN ND2 HD21 sing N N 52  
ASN ND2 HD22 sing N N 53  
ASN OXT HXT  sing N N 54  
ASP N   CA   sing N N 55  
ASP N   H    sing N N 56  
ASP N   H2   sing N N 57  
ASP CA  C    sing N N 58  
ASP CA  CB   sing N N 59  
ASP CA  HA   sing N N 60  
ASP C   O    doub N N 61  
ASP C   OXT  sing N N 62  
ASP CB  CG   sing N N 63  
ASP CB  HB2  sing N N 64  
ASP CB  HB3  sing N N 65  
ASP CG  OD1  doub N N 66  
ASP CG  OD2  sing N N 67  
ASP OD2 HD2  sing N N 68  
ASP OXT HXT  sing N N 69  
CYS N   CA   sing N N 70  
CYS N   H    sing N N 71  
CYS N   H2   sing N N 72  
CYS CA  C    sing N N 73  
CYS CA  CB   sing N N 74  
CYS CA  HA   sing N N 75  
CYS C   O    doub N N 76  
CYS C   OXT  sing N N 77  
CYS CB  SG   sing N N 78  
CYS CB  HB2  sing N N 79  
CYS CB  HB3  sing N N 80  
CYS SG  HG   sing N N 81  
CYS OXT HXT  sing N N 82  
GLN N   CA   sing N N 83  
GLN N   H    sing N N 84  
GLN N   H2   sing N N 85  
GLN CA  C    sing N N 86  
GLN CA  CB   sing N N 87  
GLN CA  HA   sing N N 88  
GLN C   O    doub N N 89  
GLN C   OXT  sing N N 90  
GLN CB  CG   sing N N 91  
GLN CB  HB2  sing N N 92  
GLN CB  HB3  sing N N 93  
GLN CG  CD   sing N N 94  
GLN CG  HG2  sing N N 95  
GLN CG  HG3  sing N N 96  
GLN CD  OE1  doub N N 97  
GLN CD  NE2  sing N N 98  
GLN NE2 HE21 sing N N 99  
GLN NE2 HE22 sing N N 100 
GLN OXT HXT  sing N N 101 
GLU N   CA   sing N N 102 
GLU N   H    sing N N 103 
GLU N   H2   sing N N 104 
GLU CA  C    sing N N 105 
GLU CA  CB   sing N N 106 
GLU CA  HA   sing N N 107 
GLU C   O    doub N N 108 
GLU C   OXT  sing N N 109 
GLU CB  CG   sing N N 110 
GLU CB  HB2  sing N N 111 
GLU CB  HB3  sing N N 112 
GLU CG  CD   sing N N 113 
GLU CG  HG2  sing N N 114 
GLU CG  HG3  sing N N 115 
GLU CD  OE1  doub N N 116 
GLU CD  OE2  sing N N 117 
GLU OE2 HE2  sing N N 118 
GLU OXT HXT  sing N N 119 
GLY N   CA   sing N N 120 
GLY N   H    sing N N 121 
GLY N   H2   sing N N 122 
GLY CA  C    sing N N 123 
GLY CA  HA2  sing N N 124 
GLY CA  HA3  sing N N 125 
GLY C   O    doub N N 126 
GLY C   OXT  sing N N 127 
GLY OXT HXT  sing N N 128 
HIS N   CA   sing N N 129 
HIS N   H    sing N N 130 
HIS N   H2   sing N N 131 
HIS CA  C    sing N N 132 
HIS CA  CB   sing N N 133 
HIS CA  HA   sing N N 134 
HIS C   O    doub N N 135 
HIS C   OXT  sing N N 136 
HIS CB  CG   sing N N 137 
HIS CB  HB2  sing N N 138 
HIS CB  HB3  sing N N 139 
HIS CG  ND1  sing Y N 140 
HIS CG  CD2  doub Y N 141 
HIS ND1 CE1  doub Y N 142 
HIS ND1 HD1  sing N N 143 
HIS CD2 NE2  sing Y N 144 
HIS CD2 HD2  sing N N 145 
HIS CE1 NE2  sing Y N 146 
HIS CE1 HE1  sing N N 147 
HIS NE2 HE2  sing N N 148 
HIS OXT HXT  sing N N 149 
ILE N   CA   sing N N 150 
ILE N   H    sing N N 151 
ILE N   H2   sing N N 152 
ILE CA  C    sing N N 153 
ILE CA  CB   sing N N 154 
ILE CA  HA   sing N N 155 
ILE C   O    doub N N 156 
ILE C   OXT  sing N N 157 
ILE CB  CG1  sing N N 158 
ILE CB  CG2  sing N N 159 
ILE CB  HB   sing N N 160 
ILE CG1 CD1  sing N N 161 
ILE CG1 HG12 sing N N 162 
ILE CG1 HG13 sing N N 163 
ILE CG2 HG21 sing N N 164 
ILE CG2 HG22 sing N N 165 
ILE CG2 HG23 sing N N 166 
ILE CD1 HD11 sing N N 167 
ILE CD1 HD12 sing N N 168 
ILE CD1 HD13 sing N N 169 
ILE OXT HXT  sing N N 170 
LEU N   CA   sing N N 171 
LEU N   H    sing N N 172 
LEU N   H2   sing N N 173 
LEU CA  C    sing N N 174 
LEU CA  CB   sing N N 175 
LEU CA  HA   sing N N 176 
LEU C   O    doub N N 177 
LEU C   OXT  sing N N 178 
LEU CB  CG   sing N N 179 
LEU CB  HB2  sing N N 180 
LEU CB  HB3  sing N N 181 
LEU CG  CD1  sing N N 182 
LEU CG  CD2  sing N N 183 
LEU CG  HG   sing N N 184 
LEU CD1 HD11 sing N N 185 
LEU CD1 HD12 sing N N 186 
LEU CD1 HD13 sing N N 187 
LEU CD2 HD21 sing N N 188 
LEU CD2 HD22 sing N N 189 
LEU CD2 HD23 sing N N 190 
LEU OXT HXT  sing N N 191 
LYS N   CA   sing N N 192 
LYS N   H    sing N N 193 
LYS N   H2   sing N N 194 
LYS CA  C    sing N N 195 
LYS CA  CB   sing N N 196 
LYS CA  HA   sing N N 197 
LYS C   O    doub N N 198 
LYS C   OXT  sing N N 199 
LYS CB  CG   sing N N 200 
LYS CB  HB2  sing N N 201 
LYS CB  HB3  sing N N 202 
LYS CG  CD   sing N N 203 
LYS CG  HG2  sing N N 204 
LYS CG  HG3  sing N N 205 
LYS CD  CE   sing N N 206 
LYS CD  HD2  sing N N 207 
LYS CD  HD3  sing N N 208 
LYS CE  NZ   sing N N 209 
LYS CE  HE2  sing N N 210 
LYS CE  HE3  sing N N 211 
LYS NZ  HZ1  sing N N 212 
LYS NZ  HZ2  sing N N 213 
LYS NZ  HZ3  sing N N 214 
LYS OXT HXT  sing N N 215 
MET N   CA   sing N N 216 
MET N   H    sing N N 217 
MET N   H2   sing N N 218 
MET CA  C    sing N N 219 
MET CA  CB   sing N N 220 
MET CA  HA   sing N N 221 
MET C   O    doub N N 222 
MET C   OXT  sing N N 223 
MET CB  CG   sing N N 224 
MET CB  HB2  sing N N 225 
MET CB  HB3  sing N N 226 
MET CG  SD   sing N N 227 
MET CG  HG2  sing N N 228 
MET CG  HG3  sing N N 229 
MET SD  CE   sing N N 230 
MET CE  HE1  sing N N 231 
MET CE  HE2  sing N N 232 
MET CE  HE3  sing N N 233 
MET OXT HXT  sing N N 234 
PHE N   CA   sing N N 235 
PHE N   H    sing N N 236 
PHE N   H2   sing N N 237 
PHE CA  C    sing N N 238 
PHE CA  CB   sing N N 239 
PHE CA  HA   sing N N 240 
PHE C   O    doub N N 241 
PHE C   OXT  sing N N 242 
PHE CB  CG   sing N N 243 
PHE CB  HB2  sing N N 244 
PHE CB  HB3  sing N N 245 
PHE CG  CD1  doub Y N 246 
PHE CG  CD2  sing Y N 247 
PHE CD1 CE1  sing Y N 248 
PHE CD1 HD1  sing N N 249 
PHE CD2 CE2  doub Y N 250 
PHE CD2 HD2  sing N N 251 
PHE CE1 CZ   doub Y N 252 
PHE CE1 HE1  sing N N 253 
PHE CE2 CZ   sing Y N 254 
PHE CE2 HE2  sing N N 255 
PHE CZ  HZ   sing N N 256 
PHE OXT HXT  sing N N 257 
PRO N   CA   sing N N 258 
PRO N   CD   sing N N 259 
PRO N   H    sing N N 260 
PRO CA  C    sing N N 261 
PRO CA  CB   sing N N 262 
PRO CA  HA   sing N N 263 
PRO C   O    doub N N 264 
PRO C   OXT  sing N N 265 
PRO CB  CG   sing N N 266 
PRO CB  HB2  sing N N 267 
PRO CB  HB3  sing N N 268 
PRO CG  CD   sing N N 269 
PRO CG  HG2  sing N N 270 
PRO CG  HG3  sing N N 271 
PRO CD  HD2  sing N N 272 
PRO CD  HD3  sing N N 273 
PRO OXT HXT  sing N N 274 
RHQ C1  C2   sing Y N 275 
RHQ C1  C6   doub Y N 276 
RHQ C1  O1   sing Y N 277 
RHQ C2  C3   sing Y N 278 
RHQ C2  C9   doub Y N 279 
RHQ C3  C4   doub Y N 280 
RHQ C3  H31  sing N N 281 
RHQ C4  C5   sing Y N 282 
RHQ C4  C21  sing N N 283 
RHQ C5  C6   sing Y N 284 
RHQ C5  N2   doub N Z 285 
RHQ C6  H61  sing N N 286 
RHQ O1  C7   sing Y N 287 
RHQ C7  C8   doub Y N 288 
RHQ C7  C10  sing Y N 289 
RHQ C8  C9   sing Y N 290 
RHQ C8  C13  sing Y N 291 
RHQ C9  C14  sing Y N 292 
RHQ C10 C11  doub Y N 293 
RHQ C10 H101 sing N N 294 
RHQ C11 C12  sing Y N 295 
RHQ C11 N1   sing N N 296 
RHQ C12 C13  doub Y N 297 
RHQ C12 C20  sing N N 298 
RHQ C13 H131 sing N N 299 
RHQ N1  C22  sing N N 300 
RHQ N1  HN11 sing N N 301 
RHQ C14 C15  doub Y N 302 
RHQ C14 C19  sing Y N 303 
RHQ C15 C16  sing Y N 304 
RHQ C15 H151 sing N N 305 
RHQ C16 C17  doub Y N 306 
RHQ C16 H161 sing N N 307 
RHQ C17 C18  sing Y N 308 
RHQ C17 H171 sing N N 309 
RHQ C18 C19  doub Y N 310 
RHQ C18 H181 sing N N 311 
RHQ C19 C26  sing N N 312 
RHQ C20 H201 sing N N 313 
RHQ C20 H202 sing N N 314 
RHQ C20 H203 sing N N 315 
RHQ C21 H211 sing N N 316 
RHQ C21 H212 sing N N 317 
RHQ C21 H213 sing N N 318 
RHQ C22 C23  sing N N 319 
RHQ C22 H221 sing N N 320 
RHQ C22 H222 sing N N 321 
RHQ C23 H231 sing N N 322 
RHQ C23 H232 sing N N 323 
RHQ C23 H233 sing N N 324 
RHQ N2  C24  sing N N 325 
RHQ N2  HN21 sing N N 326 
RHQ C24 C25  sing N N 327 
RHQ C24 H241 sing N N 328 
RHQ C24 H242 sing N N 329 
RHQ C25 H251 sing N N 330 
RHQ C25 H252 sing N N 331 
RHQ C25 H253 sing N N 332 
RHQ C26 O27  doub N N 333 
RHQ C26 O2   sing N N 334 
RHQ O2  C28  sing N N 335 
RHQ C28 C29  sing N N 336 
RHQ C28 H281 sing N N 337 
RHQ C28 H282 sing N N 338 
RHQ C29 H291 sing N N 339 
RHQ C29 H292 sing N N 340 
RHQ C29 H293 sing N N 341 
SER N   CA   sing N N 342 
SER N   H    sing N N 343 
SER N   H2   sing N N 344 
SER CA  C    sing N N 345 
SER CA  CB   sing N N 346 
SER CA  HA   sing N N 347 
SER C   O    doub N N 348 
SER C   OXT  sing N N 349 
SER CB  OG   sing N N 350 
SER CB  HB2  sing N N 351 
SER CB  HB3  sing N N 352 
SER OG  HG   sing N N 353 
SER OXT HXT  sing N N 354 
THR N   CA   sing N N 355 
THR N   H    sing N N 356 
THR N   H2   sing N N 357 
THR CA  C    sing N N 358 
THR CA  CB   sing N N 359 
THR CA  HA   sing N N 360 
THR C   O    doub N N 361 
THR C   OXT  sing N N 362 
THR CB  OG1  sing N N 363 
THR CB  CG2  sing N N 364 
THR CB  HB   sing N N 365 
THR OG1 HG1  sing N N 366 
THR CG2 HG21 sing N N 367 
THR CG2 HG22 sing N N 368 
THR CG2 HG23 sing N N 369 
THR OXT HXT  sing N N 370 
TRP N   CA   sing N N 371 
TRP N   H    sing N N 372 
TRP N   H2   sing N N 373 
TRP CA  C    sing N N 374 
TRP CA  CB   sing N N 375 
TRP CA  HA   sing N N 376 
TRP C   O    doub N N 377 
TRP C   OXT  sing N N 378 
TRP CB  CG   sing N N 379 
TRP CB  HB2  sing N N 380 
TRP CB  HB3  sing N N 381 
TRP CG  CD1  doub Y N 382 
TRP CG  CD2  sing Y N 383 
TRP CD1 NE1  sing Y N 384 
TRP CD1 HD1  sing N N 385 
TRP CD2 CE2  doub Y N 386 
TRP CD2 CE3  sing Y N 387 
TRP NE1 CE2  sing Y N 388 
TRP NE1 HE1  sing N N 389 
TRP CE2 CZ2  sing Y N 390 
TRP CE3 CZ3  doub Y N 391 
TRP CE3 HE3  sing N N 392 
TRP CZ2 CH2  doub Y N 393 
TRP CZ2 HZ2  sing N N 394 
TRP CZ3 CH2  sing Y N 395 
TRP CZ3 HZ3  sing N N 396 
TRP CH2 HH2  sing N N 397 
TRP OXT HXT  sing N N 398 
TYR N   CA   sing N N 399 
TYR N   H    sing N N 400 
TYR N   H2   sing N N 401 
TYR CA  C    sing N N 402 
TYR CA  CB   sing N N 403 
TYR CA  HA   sing N N 404 
TYR C   O    doub N N 405 
TYR C   OXT  sing N N 406 
TYR CB  CG   sing N N 407 
TYR CB  HB2  sing N N 408 
TYR CB  HB3  sing N N 409 
TYR CG  CD1  doub Y N 410 
TYR CG  CD2  sing Y N 411 
TYR CD1 CE1  sing Y N 412 
TYR CD1 HD1  sing N N 413 
TYR CD2 CE2  doub Y N 414 
TYR CD2 HD2  sing N N 415 
TYR CE1 CZ   doub Y N 416 
TYR CE1 HE1  sing N N 417 
TYR CE2 CZ   sing Y N 418 
TYR CE2 HE2  sing N N 419 
TYR CZ  OH   sing N N 420 
TYR OH  HH   sing N N 421 
TYR OXT HXT  sing N N 422 
VAL N   CA   sing N N 423 
VAL N   H    sing N N 424 
VAL N   H2   sing N N 425 
VAL CA  C    sing N N 426 
VAL CA  CB   sing N N 427 
VAL CA  HA   sing N N 428 
VAL C   O    doub N N 429 
VAL C   OXT  sing N N 430 
VAL CB  CG1  sing N N 431 
VAL CB  CG2  sing N N 432 
VAL CB  HB   sing N N 433 
VAL CG1 HG11 sing N N 434 
VAL CG1 HG12 sing N N 435 
VAL CG1 HG13 sing N N 436 
VAL CG2 HG21 sing N N 437 
VAL CG2 HG22 sing N N 438 
VAL CG2 HG23 sing N N 439 
VAL OXT HXT  sing N N 440 
# 
_pdbx_coordinate_model.asym_id   A 
_pdbx_coordinate_model.type      'CA ATOMS ONLY' 
# 
_atom_sites.entry_id                    4LZ9 
_atom_sites.fract_transf_matrix[1][1]   -0.00164231 
_atom_sites.fract_transf_matrix[1][2]   0.00707089 
_atom_sites.fract_transf_matrix[1][3]   0.00838279 
_atom_sites.fract_transf_matrix[2][1]   -0.01028066 
_atom_sites.fract_transf_matrix[2][2]   -0.00276589 
_atom_sites.fract_transf_matrix[2][3]   0.00031889 
_atom_sites.fract_transf_matrix[3][1]   0.00210619 
_atom_sites.fract_transf_matrix[3][2]   -0.00709136 
_atom_sites.fract_transf_matrix[3][3]   0.00639420 
_atom_sites.fract_transf_vector[1]      0.101681 
_atom_sites.fract_transf_vector[2]      -0.196217 
_atom_sites.fract_transf_vector[3]      -0.221619 
# 
loop_
_atom_type.symbol 
C 
N 
O 
# 
loop_
_atom_site.group_PDB 
_atom_site.id 
_atom_site.type_symbol 
_atom_site.label_atom_id 
_atom_site.label_alt_id 
_atom_site.label_comp_id 
_atom_site.label_asym_id 
_atom_site.label_entity_id 
_atom_site.label_seq_id 
_atom_site.pdbx_PDB_ins_code 
_atom_site.Cartn_x 
_atom_site.Cartn_y 
_atom_site.Cartn_z 
_atom_site.occupancy 
_atom_site.B_iso_or_equiv 
_atom_site.pdbx_formal_charge 
_atom_site.auth_seq_id 
_atom_site.auth_comp_id 
_atom_site.auth_asym_id 
_atom_site.auth_atom_id 
_atom_site.pdbx_PDB_model_num 
ATOM   1   C CA  . GLN A 1 1   ? 2.438   -19.638 24.475  1.00 310.93 ? 3   GLN A CA  1 
ATOM   2   C CA  . LYS A 1 2   ? -0.368  -20.918 22.234  1.00 321.35 ? 4   LYS A CA  1 
ATOM   3   C CA  . GLN A 1 3   ? -1.102  -23.580 19.651  1.00 290.29 ? 5   GLN A CA  1 
ATOM   4   C CA  . GLN A 1 4   ? 0.867   -22.537 16.601  1.00 236.50 ? 6   GLN A CA  1 
ATOM   5   C CA  . SER A 1 5   ? -1.777  -23.744 14.127  1.00 238.18 ? 7   SER A CA  1 
ATOM   6   C CA  . GLU A 1 6   ? -0.816  -25.571 11.006  1.00 247.05 ? 8   GLU A CA  1 
ATOM   7   C CA  . ARG A 1 7   ? 0.344   -22.832 8.817   1.00 254.85 ? 9   ARG A CA  1 
ATOM   8   C CA  . LEU A 1 8   ? 4.041   -23.005 8.869   1.00 232.24 ? 10  LEU A CA  1 
ATOM   9   C CA  . GLY A 1 9   ? 6.317   -21.929 11.643  1.00 207.34 ? 11  GLY A CA  1 
ATOM   10  C CA  . THR A 1 10  ? 7.993   -24.679 9.631   1.00 261.16 ? 12  THR A CA  1 
ATOM   11  C CA  . GLU A 1 11  ? 11.376  -23.565 8.531   1.00 213.24 ? 13  GLU A CA  1 
ATOM   12  C CA  . ALA A 1 12  ? 10.798  -24.891 4.973   1.00 180.56 ? 14  ALA A CA  1 
ATOM   13  C CA  . ILE A 1 13  ? 12.494  -21.520 3.986   1.00 246.22 ? 15  ILE A CA  1 
ATOM   14  C CA  . PRO A 1 14  ? 12.962  -20.388 0.403   1.00 177.79 ? 16  PRO A CA  1 
ATOM   15  C CA  . LYS A 1 15  ? 9.636   -21.916 -0.460  1.00 173.90 ? 17  LYS A CA  1 
ATOM   16  C CA  . LEU A 1 16  ? 8.392   -20.324 2.639   1.00 208.46 ? 18  LEU A CA  1 
ATOM   17  C CA  . LEU A 1 17  ? 8.970   -17.232 0.437   1.00 183.25 ? 19  LEU A CA  1 
ATOM   18  C CA  . ARG A 1 18  ? 8.021   -18.949 -2.829  1.00 175.37 ? 20  ARG A CA  1 
ATOM   19  C CA  . SER A 1 19  ? 4.737   -19.889 -1.245  1.00 180.33 ? 21  SER A CA  1 
ATOM   20  C CA  . LEU A 1 20  ? 4.469   -16.656 0.644   1.00 183.97 ? 22  LEU A CA  1 
ATOM   21  C CA  . SER A 1 21  ? 5.044   -14.191 -2.109  1.00 163.49 ? 23  SER A CA  1 
ATOM   22  C CA  . ILE A 1 22  ? 2.652   -15.412 -4.778  1.00 116.46 ? 24  ILE A CA  1 
ATOM   23  C CA  . PRO A 1 23  ? -0.466  -15.077 -2.689  1.00 176.12 ? 25  PRO A CA  1 
ATOM   24  C CA  . ALA A 1 24  ? 0.255   -11.365 -2.381  1.00 150.66 ? 26  ALA A CA  1 
ATOM   25  C CA  . MET A 1 25  ? 1.273   -11.243 -5.983  1.00 139.67 ? 27  MET A CA  1 
ATOM   26  C CA  . ILE A 1 26  ? -1.994  -12.680 -7.052  1.00 116.99 ? 28  ILE A CA  1 
ATOM   27  C CA  . GLY A 1 27  ? -4.710  -10.784 -5.156  1.00 146.11 ? 29  GLY A CA  1 
ATOM   28  C CA  . MET A 1 28  ? -2.784  -7.545  -5.210  1.00 142.67 ? 30  MET A CA  1 
ATOM   29  C CA  . PHE A 1 29  ? -2.929  -7.936  -9.026  1.00 145.14 ? 31  PHE A CA  1 
ATOM   30  C CA  . VAL A 1 30  ? -6.567  -8.999  -9.079  1.00 153.99 ? 32  VAL A CA  1 
ATOM   31  C CA  . MET A 1 31  ? -7.391  -5.881  -7.091  1.00 175.68 ? 33  MET A CA  1 
ATOM   32  C CA  . ALA A 1 32  ? -5.359  -3.789  -9.440  1.00 165.68 ? 34  ALA A CA  1 
ATOM   33  C CA  . LEU A 1 33  ? -7.728  -5.258  -11.965 1.00 139.65 ? 35  LEU A CA  1 
ATOM   34  C CA  . TYR A 1 34  ? -10.722 -4.040  -10.063 1.00 152.78 ? 36  TYR A CA  1 
ATOM   35  C CA  . ASN A 1 35  ? -9.285  -0.535  -10.496 1.00 137.01 ? 37  ASN A CA  1 
ATOM   36  C CA  . VAL A 1 36  ? -8.966  -0.837  -14.167 1.00 134.10 ? 38  VAL A CA  1 
ATOM   37  C CA  . VAL A 1 37  ? -12.172 -2.741  -14.729 1.00 141.77 ? 39  VAL A CA  1 
ATOM   38  C CA  . ASP A 1 38  ? -13.915 -0.404  -12.398 1.00 146.99 ? 40  ASP A CA  1 
ATOM   39  C CA  . THR A 1 39  ? -12.715 3.105   -13.306 1.00 158.39 ? 41  THR A CA  1 
ATOM   40  C CA  . ILE A 1 40  ? -13.096 2.401   -16.947 1.00 153.16 ? 42  ILE A CA  1 
ATOM   41  C CA  . PHE A 1 41  ? -16.736 2.266   -15.879 1.00 168.91 ? 43  PHE A CA  1 
ATOM   42  C CA  . ILE A 1 42  ? -16.489 5.720   -14.328 1.00 199.73 ? 44  ILE A CA  1 
ATOM   43  C CA  . SER A 1 43  ? -15.111 6.904   -17.717 1.00 205.93 ? 45  SER A CA  1 
ATOM   44  C CA  . TYR A 1 44  ? -18.418 5.983   -19.306 1.00 145.09 ? 46  TYR A CA  1 
ATOM   45  C CA  . ALA A 1 45  ? -21.475 6.523   -17.131 1.00 188.60 ? 47  ALA A CA  1 
ATOM   46  C CA  . VAL A 1 46  ? -19.527 9.518   -16.217 1.00 179.83 ? 48  VAL A CA  1 
ATOM   47  C CA  . GLY A 1 47  ? -17.097 11.235  -18.583 1.00 200.34 ? 49  GLY A CA  1 
ATOM   48  C CA  . ILE A 1 48  ? -13.705 12.327  -17.276 1.00 168.26 ? 50  ILE A CA  1 
ATOM   49  C CA  . GLU A 1 49  ? -15.123 14.987  -15.000 1.00 204.84 ? 51  GLU A CA  1 
ATOM   50  C CA  . GLY A 1 50  ? -15.492 12.311  -12.293 1.00 166.45 ? 52  GLY A CA  1 
ATOM   51  C CA  . VAL A 1 51  ? -12.569 10.081  -13.138 1.00 149.88 ? 53  VAL A CA  1 
ATOM   52  C CA  . ALA A 1 52  ? -10.944 13.095  -11.646 1.00 162.51 ? 54  ALA A CA  1 
ATOM   53  C CA  . GLY A 1 53  ? -13.567 13.269  -8.860  1.00 165.46 ? 55  GLY A CA  1 
ATOM   54  C CA  . VAL A 1 54  ? -12.120 10.067  -7.650  1.00 169.60 ? 56  VAL A CA  1 
ATOM   55  C CA  . THR A 1 55  ? -8.532  11.087  -8.138  1.00 151.38 ? 57  THR A CA  1 
ATOM   56  C CA  . ILE A 1 56  ? -9.000  14.212  -6.088  1.00 191.63 ? 58  ILE A CA  1 
ATOM   57  C CA  . ALA A 1 57  ? -11.029 12.136  -3.687  1.00 195.81 ? 59  ALA A CA  1 
ATOM   58  C CA  . PHE A 1 58  ? -8.258  9.638   -3.641  1.00 197.91 ? 60  PHE A CA  1 
ATOM   59  C CA  . PRO A 1 59  ? -5.533  10.953  -1.213  1.00 199.40 ? 61  PRO A CA  1 
ATOM   60  C CA  . ILE A 1 60  ? -8.223  11.269  1.389   1.00 198.16 ? 62  ILE A CA  1 
ATOM   61  C CA  . MET A 1 61  ? -8.909  7.532   1.273   1.00 199.09 ? 63  MET A CA  1 
ATOM   62  C CA  . MET A 1 62  ? -5.128  7.146   1.751   1.00 204.80 ? 64  MET A CA  1 
ATOM   63  C CA  . ILE A 1 63  ? -5.225  9.320   4.837   1.00 200.66 ? 65  ILE A CA  1 
ATOM   64  C CA  . MET A 1 64  ? -7.209  6.767   6.684   1.00 207.27 ? 66  MET A CA  1 
ATOM   65  C CA  . MET A 1 65  ? -5.698  3.612   5.155   1.00 217.95 ? 67  MET A CA  1 
ATOM   66  C CA  . SER A 1 66  ? -2.258  4.938   6.142   1.00 201.60 ? 68  SER A CA  1 
ATOM   67  C CA  . MET A 1 67  ? -3.324  5.300   9.737   1.00 183.12 ? 69  MET A CA  1 
ATOM   68  C CA  . ALA A 1 68  ? -4.857  1.803   9.725   1.00 177.37 ? 70  ALA A CA  1 
ATOM   69  C CA  . GLY A 1 69  ? -1.910  0.488   7.720   1.00 173.15 ? 71  GLY A CA  1 
ATOM   70  C CA  . ALA A 1 70  ? 0.642   1.442   10.329  1.00 179.57 ? 72  ALA A CA  1 
ATOM   71  C CA  . LEU A 1 71  ? -1.839  -0.069  12.737  1.00 197.29 ? 73  LEU A CA  1 
ATOM   72  C CA  . GLY A 1 72  ? -1.861  -3.190  10.581  1.00 207.51 ? 74  GLY A CA  1 
ATOM   73  C CA  . ILE A 1 73  ? 1.904   -3.265  10.004  1.00 215.49 ? 75  ILE A CA  1 
ATOM   74  C CA  . GLY A 1 74  ? 2.545   -2.623  13.663  1.00 167.32 ? 76  GLY A CA  1 
ATOM   75  C CA  . GLY A 1 75  ? 0.538   -5.811  14.187  1.00 197.74 ? 77  GLY A CA  1 
ATOM   76  C CA  . ALA A 1 76  ? 2.374   -7.838  11.529  1.00 183.84 ? 78  ALA A CA  1 
ATOM   77  C CA  . SER A 1 77  ? 5.854   -7.057  12.935  1.00 185.91 ? 79  SER A CA  1 
ATOM   78  C CA  . VAL A 1 78  ? 4.767   -7.212  16.495  1.00 176.79 ? 80  VAL A CA  1 
ATOM   79  C CA  . ILE A 1 79  ? 2.831   -10.461 15.941  1.00 151.05 ? 81  ILE A CA  1 
ATOM   80  C CA  . SER A 1 80  ? 5.867   -11.945 14.167  1.00 182.60 ? 82  SER A CA  1 
ATOM   81  C CA  . ARG A 1 81  ? 8.469   -10.780 16.692  1.00 225.34 ? 83  ARG A CA  1 
ATOM   82  C CA  . ARG A 1 82  ? 6.163   -12.674 19.075  1.00 141.72 ? 84  ARG A CA  1 
ATOM   83  C CA  . LEU A 1 83  ? 5.731   -16.129 17.576  1.00 153.47 ? 85  LEU A CA  1 
ATOM   84  C CA  . GLY A 1 84  ? 9.286   -17.103 17.024  1.00 147.10 ? 86  GLY A CA  1 
ATOM   85  C CA  . GLU A 1 85  ? 9.931   -15.325 20.248  1.00 236.51 ? 87  GLU A CA  1 
ATOM   86  C CA  . ARG A 1 86  ? 6.932   -17.377 21.014  1.00 175.82 ? 88  ARG A CA  1 
ATOM   87  C CA  . ARG A 1 87  ? 4.920   -15.144 23.429  1.00 168.44 ? 89  ARG A CA  1 
ATOM   88  C CA  . GLY A 1 88  ? 1.995   -17.084 21.813  1.00 193.01 ? 90  GLY A CA  1 
ATOM   89  C CA  . GLU A 1 89  ? -0.537  -15.057 23.762  1.00 233.08 ? 91  GLU A CA  1 
ATOM   90  C CA  . GLU A 1 90  ? 0.946   -11.545 23.519  1.00 227.16 ? 92  GLU A CA  1 
ATOM   91  C CA  . ALA A 1 91  ? -0.190  -11.973 20.002  1.00 179.01 ? 93  ALA A CA  1 
ATOM   92  C CA  . ASN A 1 92  ? -3.798  -12.830 20.977  1.00 217.31 ? 94  ASN A CA  1 
ATOM   93  C CA  . GLN A 1 93  ? -3.714  -9.665  23.039  1.00 225.68 ? 95  GLN A CA  1 
ATOM   94  C CA  . VAL A 1 94  ? -2.277  -7.450  20.304  1.00 173.27 ? 96  VAL A CA  1 
ATOM   95  C CA  . PHE A 1 95  ? -4.627  -8.193  17.457  1.00 175.59 ? 97  PHE A CA  1 
ATOM   96  C CA  . GLY A 1 96  ? -7.659  -7.158  19.472  1.00 200.73 ? 98  GLY A CA  1 
ATOM   97  C CA  . ASN A 1 97  ? -5.874  -4.287  21.180  1.00 207.10 ? 99  ASN A CA  1 
ATOM   98  C CA  . ILE A 1 98  ? -5.384  -2.916  17.704  1.00 190.39 ? 100 ILE A CA  1 
ATOM   99  C CA  . LEU A 1 99  ? -8.963  -3.633  16.697  1.00 176.38 ? 101 LEU A CA  1 
ATOM   100 C CA  . THR A 1 100 ? -9.354  -0.999  19.308  1.00 198.27 ? 102 THR A CA  1 
ATOM   101 C CA  . VAL A 1 101 ? -7.528  1.859   17.630  1.00 194.26 ? 103 VAL A CA  1 
ATOM   102 C CA  . ILE A 1 102 ? -9.208  0.815   14.441  1.00 199.25 ? 104 ILE A CA  1 
ATOM   103 C CA  . LEU A 1 103 ? -12.788 0.844   15.799  1.00 195.15 ? 105 LEU A CA  1 
ATOM   104 C CA  . VAL A 1 104 ? -11.615 4.111   17.321  1.00 174.29 ? 106 VAL A CA  1 
ATOM   105 C CA  . LEU A 1 105 ? -10.896 5.487   13.897  1.00 181.56 ? 107 LEU A CA  1 
ATOM   106 C CA  . SER A 1 106 ? -13.636 3.649   11.960  1.00 194.53 ? 108 SER A CA  1 
ATOM   107 C CA  . VAL A 1 107 ? -15.725 6.192   13.828  1.00 176.71 ? 109 VAL A CA  1 
ATOM   108 C CA  . ILE A 1 108 ? -13.380 9.183   13.359  1.00 193.45 ? 110 ILE A CA  1 
ATOM   109 C CA  . GLY A 1 109 ? -14.112 8.575   9.704   1.00 169.48 ? 111 GLY A CA  1 
ATOM   110 C CA  . PHE A 1 110 ? -17.813 8.060   10.335  1.00 176.87 ? 112 PHE A CA  1 
ATOM   111 C CA  . ILE A 1 111 ? -17.649 11.415  12.101  1.00 174.60 ? 113 ILE A CA  1 
ATOM   112 C CA  . SER A 1 112 ? -15.419 13.219  9.576   1.00 188.56 ? 114 SER A CA  1 
ATOM   113 C CA  . ALA A 1 113 ? -17.896 12.056  6.893   1.00 230.89 ? 115 ALA A CA  1 
ATOM   114 C CA  . PHE A 1 114 ? -20.630 14.050  8.523   1.00 237.98 ? 116 PHE A CA  1 
ATOM   115 C CA  . THR A 1 115 ? -17.868 16.742  8.934   1.00 219.80 ? 117 THR A CA  1 
ATOM   116 C CA  . LEU A 1 116 ? -14.527 17.527  7.245   1.00 216.68 ? 118 LEU A CA  1 
ATOM   117 C CA  . LEU A 1 117 ? -15.602 16.076  3.889   1.00 220.47 ? 119 LEU A CA  1 
ATOM   118 C CA  . GLY A 1 118 ? -16.405 18.984  1.605   1.00 222.06 ? 120 GLY A CA  1 
ATOM   119 C CA  . PRO A 1 119 ? -14.268 21.314  3.739   1.00 189.34 ? 121 PRO A CA  1 
ATOM   120 C CA  . ALA A 1 120 ? -11.120 19.657  2.533   1.00 193.50 ? 122 ALA A CA  1 
ATOM   121 C CA  . LEU A 1 121 ? -12.497 18.408  -0.760  1.00 219.12 ? 123 LEU A CA  1 
ATOM   122 C CA  . GLN A 1 122 ? -13.113 21.904  -2.131  1.00 265.89 ? 124 GLN A CA  1 
ATOM   123 C CA  . LEU A 1 123 ? -9.796  22.849  -0.517  1.00 244.81 ? 125 LEU A CA  1 
ATOM   124 C CA  . PHE A 1 124 ? -7.999  22.516  -3.799  1.00 239.65 ? 126 PHE A CA  1 
ATOM   125 C CA  . GLY A 1 125 ? -9.022  22.691  -7.414  1.00 212.80 ? 127 GLY A CA  1 
ATOM   126 C CA  . ALA A 1 126 ? -12.776 22.306  -6.702  1.00 251.54 ? 128 ALA A CA  1 
ATOM   127 C CA  . THR A 1 127 ? -14.304 22.083  -10.186 1.00 251.85 ? 129 THR A CA  1 
ATOM   128 C CA  . SER A 1 128 ? -18.062 22.551  -9.610  1.00 295.74 ? 130 SER A CA  1 
ATOM   129 C CA  . VAL A 1 129 ? -18.619 19.264  -11.557 1.00 324.24 ? 131 VAL A CA  1 
ATOM   130 C CA  . THR A 1 130 ? -15.895 17.025  -10.065 1.00 268.20 ? 132 THR A CA  1 
ATOM   131 C CA  . GLN A 1 131 ? -16.565 18.637  -6.670  1.00 249.53 ? 133 GLN A CA  1 
ATOM   132 C CA  . GLY A 1 132 ? -19.921 16.811  -6.462  1.00 229.74 ? 134 GLY A CA  1 
ATOM   133 C CA  . TYR A 1 133 ? -18.447 13.625  -7.883  1.00 215.47 ? 135 TYR A CA  1 
ATOM   134 C CA  . ALA A 1 134 ? -15.552 13.254  -5.481  1.00 165.24 ? 136 ALA A CA  1 
ATOM   135 C CA  . THR A 1 135 ? -18.019 14.250  -2.755  1.00 182.78 ? 137 THR A CA  1 
ATOM   136 C CA  . ASP A 1 136 ? -20.454 11.631  -4.010  1.00 196.15 ? 138 ASP A CA  1 
ATOM   137 C CA  . TYR A 1 137 ? -17.499 9.329   -3.992  1.00 186.38 ? 139 TYR A CA  1 
ATOM   138 C CA  . LEU A 1 138 ? -16.095 10.088  -0.615  1.00 176.16 ? 140 LEU A CA  1 
ATOM   139 C CA  . PHE A 1 139 ? -19.268 10.288  1.448   1.00 202.20 ? 141 PHE A CA  1 
ATOM   140 C CA  . PRO A 1 140 ? -20.136 6.552   1.292   1.00 205.36 ? 142 PRO A CA  1 
ATOM   141 C CA  . ILE A 1 141 ? -16.603 5.207   1.827   1.00 198.22 ? 143 ILE A CA  1 
ATOM   142 C CA  . LEU A 1 142 ? -16.557 6.817   5.285   1.00 183.76 ? 144 LEU A CA  1 
ATOM   143 C CA  . LEU A 1 143 ? -19.897 5.520   6.435   1.00 233.13 ? 145 LEU A CA  1 
ATOM   144 C CA  . GLY A 1 144 ? -18.274 3.115   5.524   1.00 225.08 ? 146 GLY A CA  1 
ATOM   145 C CA  . SER A 1 145 ? -14.833 3.426   7.125   1.00 180.48 ? 147 SER A CA  1 
ATOM   146 C CA  . ILE A 1 146 ? -15.230 0.506   9.340   1.00 173.37 ? 148 ILE A CA  1 
ATOM   147 C CA  . PHE A 1 147 ? -15.442 -2.530  7.075   1.00 168.43 ? 149 PHE A CA  1 
ATOM   148 C CA  . PHE A 1 148 ? -12.621 -0.901  5.119   1.00 188.20 ? 150 PHE A CA  1 
ATOM   149 C CA  . PHE A 1 149 ? -10.130 -0.470  7.981   1.00 202.82 ? 151 PHE A CA  1 
ATOM   150 C CA  . PHE A 1 150 ? -10.812 -3.791  9.660   1.00 195.96 ? 152 PHE A CA  1 
ATOM   151 C CA  . ALA A 1 151 ? -10.248 -5.315  6.239   1.00 201.06 ? 153 ALA A CA  1 
ATOM   152 C CA  . PHE A 1 152 ? -6.652  -3.938  5.912   1.00 212.50 ? 154 PHE A CA  1 
ATOM   153 C CA  . ALA A 1 153 ? -6.029  -4.640  9.406   1.00 232.90 ? 155 ALA A CA  1 
ATOM   154 C CA  . ALA A 1 154 ? -7.204  -8.197  8.771   1.00 165.83 ? 156 ALA A CA  1 
ATOM   155 C CA  . ASN A 1 155 ? -5.307  -8.555  5.535   1.00 165.70 ? 157 ASN A CA  1 
ATOM   156 C CA  . ASN A 1 156 ? -2.244  -7.374  7.234   1.00 180.35 ? 158 ASN A CA  1 
ATOM   157 C CA  . ILE A 1 157 ? -2.442  -9.367  10.421  1.00 192.71 ? 159 ILE A CA  1 
ATOM   158 C CA  . ILE A 1 158 ? -3.209  -12.493 8.450   1.00 131.09 ? 160 ILE A CA  1 
ATOM   159 C CA  . ARG A 1 159 ? -0.011  -11.876 6.613   1.00 196.71 ? 161 ARG A CA  1 
ATOM   160 C CA  . SER A 1 160 ? 1.690   -11.006 9.845   1.00 179.90 ? 162 SER A CA  1 
ATOM   161 C CA  . GLU A 1 161 ? 0.736   -14.507 10.881  1.00 173.73 ? 163 GLU A CA  1 
ATOM   162 C CA  . GLY A 1 162 ? 0.947   -16.662 7.735   1.00 186.77 ? 164 GLY A CA  1 
ATOM   163 C CA  . ASN A 1 163 ? -2.280  -16.787 5.783   1.00 187.67 ? 165 ASN A CA  1 
ATOM   164 C CA  . ALA A 1 164 ? -1.199  -15.351 2.527   1.00 235.40 ? 166 ALA A CA  1 
ATOM   165 C CA  . THR A 1 165 ? -3.662  -17.858 1.184   1.00 162.42 ? 167 THR A CA  1 
ATOM   166 C CA  . PHE A 1 166 ? -6.736  -16.697 2.998   1.00 162.01 ? 168 PHE A CA  1 
ATOM   167 C CA  . ALA A 1 167 ? -5.208  -13.324 2.188   1.00 141.37 ? 169 ALA A CA  1 
ATOM   168 C CA  . MET A 1 168 ? -5.809  -14.015 -1.468  1.00 135.23 ? 170 MET A CA  1 
ATOM   169 C CA  . VAL A 1 169 ? -9.373  -14.296 -0.476  1.00 131.08 ? 171 VAL A CA  1 
ATOM   170 C CA  . THR A 1 170 ? -9.634  -11.194 1.555   1.00 165.02 ? 172 THR A CA  1 
ATOM   171 C CA  . MET A 1 171 ? -8.380  -9.944  -1.778  1.00 151.30 ? 173 MET A CA  1 
ATOM   172 C CA  . ILE A 1 172 ? -9.740  -11.873 -4.830  1.00 169.57 ? 174 ILE A CA  1 
ATOM   173 C CA  . VAL A 1 173 ? -13.192 -11.322 -3.342  1.00 174.83 ? 175 VAL A CA  1 
ATOM   174 C CA  . PRO A 1 174 ? -13.907 -7.714  -2.834  1.00 181.18 ? 176 PRO A CA  1 
ATOM   175 C CA  . ALA A 1 175 ? -12.454 -7.697  -6.258  1.00 163.96 ? 177 ALA A CA  1 
ATOM   176 C CA  . VAL A 1 176 ? -14.825 -10.066 -8.053  1.00 142.51 ? 178 VAL A CA  1 
ATOM   177 C CA  . LEU A 1 177 ? -17.726 -8.682  -6.027  1.00 155.74 ? 179 LEU A CA  1 
ATOM   178 C CA  . ASN A 1 178 ? -16.736 -5.120  -6.707  1.00 166.88 ? 180 ASN A CA  1 
ATOM   179 C CA  . ILE A 1 179 ? -16.866 -5.666  -10.354 1.00 138.68 ? 181 ILE A CA  1 
ATOM   180 C CA  . LEU A 1 180 ? -20.238 -7.321  -10.524 1.00 144.18 ? 182 LEU A CA  1 
ATOM   181 C CA  . LEU A 1 181 ? -21.224 -5.027  -7.785  1.00 159.62 ? 183 LEU A CA  1 
ATOM   182 C CA  . ASP A 1 182 ? -20.358 -2.075  -9.814  1.00 174.36 ? 184 ASP A CA  1 
ATOM   183 C CA  . VAL A 1 183 ? -21.721 -3.143  -13.105 1.00 123.89 ? 185 VAL A CA  1 
ATOM   184 C CA  . LEU A 1 184 ? -24.687 -3.637  -10.815 1.00 154.52 ? 186 LEU A CA  1 
ATOM   185 C CA  . PHE A 1 185 ? -24.937 -0.015  -9.833  1.00 173.55 ? 187 PHE A CA  1 
ATOM   186 C CA  . ILE A 1 186 ? -22.695 1.993   -12.067 1.00 209.48 ? 188 ILE A CA  1 
ATOM   187 C CA  . PHE A 1 187 ? -23.894 0.839   -15.557 1.00 188.75 ? 189 PHE A CA  1 
ATOM   188 C CA  . GLY A 1 188 ? -26.641 -1.618  -14.496 1.00 198.41 ? 190 GLY A CA  1 
ATOM   189 C CA  . LEU A 1 189 ? -28.594 1.020   -12.593 1.00 202.01 ? 191 LEU A CA  1 
ATOM   190 C CA  . ASN A 1 190 ? -27.343 4.555   -12.925 1.00 229.71 ? 192 ASN A CA  1 
ATOM   191 C CA  . MET A 1 191 ? -26.026 5.158   -9.441  1.00 220.68 ? 193 MET A CA  1 
ATOM   192 C CA  . GLY A 1 192 ? -22.747 6.322   -10.855 1.00 189.31 ? 194 GLY A CA  1 
ATOM   193 C CA  . VAL A 1 193 ? -19.882 7.385   -8.654  1.00 196.75 ? 195 VAL A CA  1 
ATOM   194 C CA  . LEU A 1 194 ? -22.553 7.928   -6.097  1.00 196.54 ? 196 LEU A CA  1 
ATOM   195 C CA  . GLY A 1 195 ? -23.062 4.184   -6.429  1.00 161.15 ? 197 GLY A CA  1 
ATOM   196 C CA  . ALA A 1 196 ? -19.570 2.806   -7.212  1.00 149.95 ? 198 ALA A CA  1 
ATOM   197 C CA  . SER A 1 197 ? -18.681 3.987   -3.757  1.00 178.66 ? 199 SER A CA  1 
ATOM   198 C CA  . ILE A 1 198 ? -21.636 2.081   -2.253  1.00 172.11 ? 200 ILE A CA  1 
ATOM   199 C CA  . ALA A 1 199 ? -20.541 -0.766  -4.427  1.00 194.10 ? 201 ALA A CA  1 
ATOM   200 C CA  . THR A 1 200 ? -17.144 -0.642  -2.797  1.00 151.11 ? 202 THR A CA  1 
ATOM   201 C CA  . VAL A 1 201 ? -18.563 -0.617  0.690   1.00 146.83 ? 203 VAL A CA  1 
ATOM   202 C CA  . ILE A 1 202 ? -20.715 -3.655  0.205   1.00 136.62 ? 204 ILE A CA  1 
ATOM   203 C CA  . ALA A 1 203 ? -17.465 -5.036  -1.070  1.00 159.15 ? 205 ALA A CA  1 
ATOM   204 C CA  . GLN A 1 204 ? -15.687 -4.296  2.184   1.00 162.87 ? 206 GLN A CA  1 
ATOM   205 C CA  . ALA A 1 205 ? -18.643 -5.499  4.179   1.00 143.42 ? 207 ALA A CA  1 
ATOM   206 C CA  . SER A 1 206 ? -18.896 -8.920  2.638   1.00 144.71 ? 208 SER A CA  1 
ATOM   207 C CA  . VAL A 1 207 ? -15.176 -9.487  3.287   1.00 184.60 ? 209 VAL A CA  1 
ATOM   208 C CA  . THR A 1 208 ? -15.051 -8.430  6.891   1.00 161.36 ? 210 THR A CA  1 
ATOM   209 C CA  . GLY A 1 209 ? -18.059 -10.794 7.187   1.00 142.42 ? 211 GLY A CA  1 
ATOM   210 C CA  . LEU A 1 210 ? -15.578 -13.452 6.133   1.00 175.43 ? 212 LEU A CA  1 
ATOM   211 C CA  . VAL A 1 211 ? -12.476 -12.336 8.095   1.00 176.77 ? 213 VAL A CA  1 
ATOM   212 C CA  . LEU A 1 212 ? -14.585 -12.739 11.177  1.00 157.55 ? 214 LEU A CA  1 
ATOM   213 C CA  . ARG A 1 213 ? -14.828 -16.435 10.293  1.00 181.54 ? 215 ARG A CA  1 
ATOM   214 C CA  . TYR A 1 214 ? -11.005 -16.713 9.917   1.00 189.35 ? 216 TYR A CA  1 
ATOM   215 C CA  . PHE A 1 215 ? -10.683 -15.228 13.341  1.00 169.26 ? 217 PHE A CA  1 
ATOM   216 C CA  . LEU A 1 216 ? -13.637 -16.575 15.216  1.00 190.89 ? 218 LEU A CA  1 
ATOM   217 C CA  . THR A 1 217 ? -15.257 -19.503 13.422  1.00 271.70 ? 219 THR A CA  1 
ATOM   218 C CA  . GLY A 1 218 ? -12.810 -22.307 14.065  1.00 215.55 ? 220 GLY A CA  1 
ATOM   219 C CA  . LYS A 1 219 ? -10.481 -19.343 14.557  1.00 230.32 ? 221 LYS A CA  1 
ATOM   220 C CA  . SER A 1 220 ? -7.719  -20.457 12.377  1.00 231.99 ? 222 SER A CA  1 
ATOM   221 C CA  . THR A 1 221 ? -4.018  -20.090 12.274  1.00 291.88 ? 223 THR A CA  1 
ATOM   222 C CA  . LEU A 1 222 ? -3.324  -18.561 15.624  1.00 202.40 ? 224 LEU A CA  1 
ATOM   223 C CA  . SER A 1 223 ? -4.169  -16.644 18.712  1.00 228.90 ? 225 SER A CA  1 
ATOM   224 C CA  . LEU A 1 224 ? -7.473  -14.899 18.264  1.00 259.77 ? 226 LEU A CA  1 
ATOM   225 C CA  . HIS A 1 225 ? -9.798  -14.176 21.268  1.00 293.40 ? 227 HIS A CA  1 
ATOM   226 C CA  . TRP A 1 226 ? -13.163 -12.439 21.702  1.00 351.97 ? 228 TRP A CA  1 
ATOM   227 C CA  . SER A 1 227 ? -15.221 -11.268 24.662  1.00 337.68 ? 229 SER A CA  1 
ATOM   228 C CA  . ASP A 1 228 ? -12.760 -9.226  26.665  1.00 299.86 ? 230 ASP A CA  1 
ATOM   229 C CA  . LEU A 1 229 ? -9.428  -10.296 25.116  1.00 222.46 ? 231 LEU A CA  1 
ATOM   230 C CA  . ARG A 1 230 ? -8.367  -6.804  24.121  1.00 234.31 ? 232 ARG A CA  1 
ATOM   231 C CA  . MET A 1 231 ? -8.985  -3.737  26.120  1.00 289.66 ? 233 MET A CA  1 
ATOM   232 C CA  . LYS A 1 232 ? -6.469  -0.977  25.466  1.00 253.41 ? 234 LYS A CA  1 
ATOM   233 C CA  . GLY A 1 233 ? -2.918  -2.268  25.389  1.00 212.48 ? 235 GLY A CA  1 
ATOM   234 C CA  . SER A 1 234 ? 0.110   -0.516  26.757  1.00 220.91 ? 236 SER A CA  1 
ATOM   235 C CA  . VAL A 1 235 ? 0.978   -2.176  23.484  1.00 220.17 ? 237 VAL A CA  1 
ATOM   236 C CA  . ILE A 1 236 ? -0.783  0.477   21.425  1.00 217.65 ? 238 ILE A CA  1 
ATOM   237 C CA  . LYS A 1 237 ? 2.577   2.141   22.247  1.00 241.06 ? 239 LYS A CA  1 
ATOM   238 C CA  . GLU A 1 238 ? 4.216   -0.923  20.676  1.00 230.45 ? 240 GLU A CA  1 
ATOM   239 C CA  . VAL A 1 239 ? 2.311   -0.939  17.376  1.00 203.80 ? 241 VAL A CA  1 
ATOM   240 C CA  . CYS A 1 240 ? 2.260   2.782   16.741  1.00 190.33 ? 242 CYS A CA  1 
ATOM   241 C CA  . LEU A 1 241 ? 5.940   2.357   17.577  1.00 191.78 ? 243 LEU A CA  1 
ATOM   242 C CA  . VAL A 1 242 ? 6.243   0.139   14.552  1.00 194.45 ? 244 VAL A CA  1 
ATOM   243 C CA  . GLY A 1 243 ? 3.814   1.668   12.138  1.00 225.29 ? 245 GLY A CA  1 
ATOM   244 C CA  . LEU A 1 244 ? 5.166   5.104   12.912  1.00 240.92 ? 246 LEU A CA  1 
ATOM   245 C CA  . PRO A 1 245 ? 7.386   5.044   9.823   1.00 192.08 ? 247 PRO A CA  1 
ATOM   246 C CA  . ALA A 1 246 ? 4.738   2.935   8.185   1.00 214.76 ? 248 ALA A CA  1 
ATOM   247 C CA  . PHE A 1 247 ? 2.053   5.664   7.994   1.00 227.94 ? 249 PHE A CA  1 
ATOM   248 C CA  . VAL A 1 248 ? 4.658   8.323   7.435   1.00 162.13 ? 250 VAL A CA  1 
ATOM   249 C CA  . GLN A 1 249 ? 5.465   6.580   4.227   1.00 187.68 ? 251 GLN A CA  1 
ATOM   250 C CA  . GLN A 1 250 ? 1.898   7.054   3.000   1.00 221.14 ? 252 GLN A CA  1 
ATOM   251 C CA  . SER A 1 251 ? 1.192   10.427  4.457   1.00 174.28 ? 253 SER A CA  1 
ATOM   252 C CA  . SER A 1 252 ? 4.562   11.022  2.738   1.00 207.78 ? 254 SER A CA  1 
ATOM   253 C CA  . ALA A 1 253 ? 3.293   10.273  -0.731  1.00 206.05 ? 255 ALA A CA  1 
ATOM   254 C CA  . SER A 1 254 ? -0.431  10.811  -0.103  1.00 256.11 ? 256 SER A CA  1 
ATOM   255 C CA  . LEU A 1 255 ? 0.009   14.289  1.358   1.00 220.27 ? 257 LEU A CA  1 
ATOM   256 C CA  . MET A 1 256 ? 2.316   15.243  -1.486  1.00 235.82 ? 258 MET A CA  1 
ATOM   257 C CA  . MET A 1 257 ? -0.061  13.876  -4.145  1.00 236.08 ? 259 MET A CA  1 
ATOM   258 C CA  . ILE A 1 258 ? -3.065  15.963  -3.186  1.00 207.99 ? 260 ILE A CA  1 
ATOM   259 C CA  . ALA A 1 259 ? -0.650  18.726  -4.184  1.00 208.11 ? 261 ALA A CA  1 
ATOM   260 C CA  . ILE A 1 260 ? 0.502   17.473  -7.553  1.00 194.10 ? 262 ILE A CA  1 
ATOM   261 C CA  . ASN A 1 261 ? -3.182  16.647  -8.196  1.00 203.96 ? 263 ASN A CA  1 
ATOM   262 C CA  . SER A 1 262 ? -4.666  19.936  -7.029  1.00 222.62 ? 264 SER A CA  1 
ATOM   263 C CA  . MET A 1 263 ? -1.765  21.886  -8.693  1.00 221.93 ? 265 MET A CA  1 
ATOM   264 C CA  . LEU A 1 264 ? -2.568  19.858  -11.808 1.00 230.22 ? 266 LEU A CA  1 
ATOM   265 C CA  . LEU A 1 265 ? -5.999  21.316  -11.419 1.00 223.40 ? 267 LEU A CA  1 
ATOM   266 C CA  . ARG A 1 266 ? -4.706  24.861  -11.917 1.00 270.40 ? 268 ARG A CA  1 
ATOM   267 C CA  . PHE A 1 267 ? -3.520  24.062  -15.451 1.00 267.35 ? 269 PHE A CA  1 
ATOM   268 C CA  . GLY A 1 268 ? -5.554  21.000  -16.449 1.00 293.86 ? 270 GLY A CA  1 
ATOM   269 C CA  . SER A 1 269 ? -9.009  20.965  -14.839 1.00 323.26 ? 271 SER A CA  1 
ATOM   270 C CA  . ASP A 1 270 ? -9.680  17.275  -15.710 1.00 275.62 ? 272 ASP A CA  1 
ATOM   271 C CA  . PHE A 1 271 ? -7.950  16.252  -19.000 1.00 296.80 ? 273 PHE A CA  1 
ATOM   272 C CA  . TYR A 1 272 ? -4.719  15.897  -16.931 1.00 285.69 ? 274 TYR A CA  1 
ATOM   273 C CA  . VAL A 1 273 ? -5.865  14.322  -13.581 1.00 200.68 ? 275 VAL A CA  1 
ATOM   274 C CA  . GLY A 1 274 ? -7.156  11.090  -15.113 1.00 191.08 ? 276 GLY A CA  1 
ATOM   275 C CA  . VAL A 1 275 ? -3.653  10.626  -16.492 1.00 194.26 ? 277 VAL A CA  1 
ATOM   276 C CA  . PHE A 1 276 ? -2.335  11.193  -13.070 1.00 202.43 ? 278 PHE A CA  1 
ATOM   277 C CA  . GLY A 1 277 ? -4.941  8.617   -12.122 1.00 186.51 ? 279 GLY A CA  1 
ATOM   278 C CA  . LEU A 1 278 ? -3.736  6.558   -15.087 1.00 178.35 ? 280 LEU A CA  1 
ATOM   279 C CA  . VAL A 1 279 ? 0.081   6.901   -14.694 1.00 210.78 ? 281 VAL A CA  1 
ATOM   280 C CA  . GLN A 1 280 ? -0.208  5.443   -11.191 1.00 212.35 ? 282 GLN A CA  1 
ATOM   281 C CA  . ARG A 1 281 ? -1.616  1.942   -11.355 1.00 190.11 ? 283 ARG A CA  1 
ATOM   282 C CA  . ILE A 1 282 ? 1.183   1.299   -13.914 1.00 209.64 ? 284 ILE A CA  1 
ATOM   283 C CA  . MET A 1 283 ? 3.703   2.335   -11.373 1.00 161.00 ? 285 MET A CA  1 
ATOM   284 C CA  . MET A 1 284 ? 2.005   0.405   -8.621  1.00 212.24 ? 286 MET A CA  1 
ATOM   285 C CA  . PHE A 1 285 ? 0.829   -2.359  -10.994 1.00 178.51 ? 287 PHE A CA  1 
ATOM   286 C CA  . VAL A 1 286 ? 4.306   -3.179  -12.012 1.00 161.95 ? 288 VAL A CA  1 
ATOM   287 C CA  . MET A 1 287 ? 5.357   -2.374  -8.528  1.00 157.97 ? 289 MET A CA  1 
ATOM   288 C CA  . MET A 1 288 ? 3.519   -5.434  -7.196  1.00 153.34 ? 290 MET A CA  1 
ATOM   289 C CA  . PRO A 1 289 ? 6.233   -7.827  -8.384  1.00 151.89 ? 291 PRO A CA  1 
ATOM   290 C CA  . MET A 1 290 ? 8.319   -5.949  -5.866  1.00 168.47 ? 292 MET A CA  1 
ATOM   291 C CA  . MET A 1 291 ? 5.487   -5.295  -3.441  1.00 180.27 ? 293 MET A CA  1 
ATOM   292 C CA  . GLY A 1 292 ? 4.602   -9.019  -3.220  1.00 148.09 ? 294 GLY A CA  1 
ATOM   293 C CA  . ILE A 1 293 ? 8.131   -10.265 -2.763  1.00 156.70 ? 295 ILE A CA  1 
ATOM   294 C CA  . MET A 1 294 ? 8.241   -7.828  0.071   1.00 145.38 ? 296 MET A CA  1 
ATOM   295 C CA  . GLN A 1 295 ? 5.083   -9.126  1.823   1.00 186.79 ? 297 GLN A CA  1 
ATOM   296 C CA  . ALA A 1 296 ? 6.504   -12.583 1.760   1.00 157.70 ? 298 ALA A CA  1 
ATOM   297 C CA  . MET A 1 297 ? 9.180   -11.375 4.187   1.00 147.96 ? 299 MET A CA  1 
ATOM   298 C CA  . GLN A 1 298 ? 6.764   -9.299  6.195   1.00 202.79 ? 300 GLN A CA  1 
ATOM   299 C CA  . PRO A 1 299 ? 6.385   -12.204 8.531   1.00 206.72 ? 301 PRO A CA  1 
ATOM   300 C CA  . ILE A 1 300 ? 8.964   -14.745 7.460   1.00 142.28 ? 302 ILE A CA  1 
ATOM   301 C CA  . VAL A 1 301 ? 11.684  -12.462 8.603   1.00 150.96 ? 303 VAL A CA  1 
ATOM   302 C CA  . GLY A 1 302 ? 9.313   -12.445 11.538  1.00 193.78 ? 304 GLY A CA  1 
ATOM   303 C CA  . TYR A 1 303 ? 9.202   -15.759 13.407  1.00 216.40 ? 305 TYR A CA  1 
ATOM   304 C CA  . ASN A 1 304 ? 12.927  -16.151 12.720  1.00 168.65 ? 306 ASN A CA  1 
ATOM   305 C CA  . TYR A 1 305 ? 13.737  -13.056 14.460  1.00 190.34 ? 307 TYR A CA  1 
ATOM   306 C CA  . GLY A 1 306 ? 11.846  -13.927 17.475  1.00 222.20 ? 308 GLY A CA  1 
ATOM   307 C CA  . ALA A 1 307 ? 14.449  -15.903 19.370  1.00 258.06 ? 309 ALA A CA  1 
ATOM   308 C CA  . LYS A 1 308 ? 14.508  -18.399 16.590  1.00 179.01 ? 310 LYS A CA  1 
ATOM   309 C CA  . GLN A 1 309 ? 16.767  -19.583 13.754  1.00 178.16 ? 311 GLN A CA  1 
ATOM   310 C CA  . TYR A 1 310 ? 18.933  -16.523 13.160  1.00 166.35 ? 312 TYR A CA  1 
ATOM   311 C CA  . SER A 1 311 ? 20.841  -18.709 10.791  1.00 217.12 ? 313 SER A CA  1 
ATOM   312 C CA  . ARG A 1 312 ? 17.845  -19.238 8.615   1.00 189.76 ? 314 ARG A CA  1 
ATOM   313 C CA  . LEU A 1 313 ? 16.753  -15.609 8.223   1.00 149.54 ? 315 LEU A CA  1 
ATOM   314 C CA  . ARG A 1 314 ? 19.894  -14.186 6.665   1.00 176.12 ? 316 ARG A CA  1 
ATOM   315 C CA  . GLU A 1 315 ? 18.845  -16.853 4.231   1.00 183.52 ? 317 GLU A CA  1 
ATOM   316 C CA  . THR A 1 316 ? 15.574  -14.962 3.628   1.00 179.10 ? 318 THR A CA  1 
ATOM   317 C CA  . VAL A 1 317 ? 17.018  -11.453 3.728   1.00 158.34 ? 319 VAL A CA  1 
ATOM   318 C CA  . MET A 1 318 ? 19.735  -12.598 1.318   1.00 174.02 ? 320 MET A CA  1 
ATOM   319 C CA  . LEU A 1 319 ? 17.205  -14.263 -0.913  1.00 173.22 ? 321 LEU A CA  1 
ATOM   320 C CA  . GLY A 1 320 ? 14.711  -11.428 -0.454  1.00 149.85 ? 322 GLY A CA  1 
ATOM   321 C CA  . PHE A 1 321 ? 17.235  -8.964  -1.883  1.00 141.25 ? 323 PHE A CA  1 
ATOM   322 C CA  . LYS A 1 322 ? 18.362  -11.501 -4.428  1.00 174.19 ? 324 LYS A CA  1 
ATOM   323 C CA  . VAL A 1 323 ? 14.968  -11.870 -6.134  1.00 151.32 ? 325 VAL A CA  1 
ATOM   324 C CA  . ALA A 1 324 ? 13.908  -8.275  -5.752  1.00 137.45 ? 326 ALA A CA  1 
ATOM   325 C CA  . THR A 1 325 ? 17.005  -7.361  -7.688  1.00 151.52 ? 327 THR A CA  1 
ATOM   326 C CA  . ILE A 1 326 ? 16.224  -9.564  -10.652 1.00 145.65 ? 328 ILE A CA  1 
ATOM   327 C CA  . PHE A 1 327 ? 12.796  -7.914  -10.695 1.00 139.50 ? 329 PHE A CA  1 
ATOM   328 C CA  . SER A 1 328 ? 14.659  -4.659  -10.321 1.00 133.43 ? 330 SER A CA  1 
ATOM   329 C CA  . ILE A 1 329 ? 16.379  -4.950  -13.632 1.00 144.82 ? 331 ILE A CA  1 
ATOM   330 C CA  . GLY A 1 330 ? 13.148  -6.688  -14.721 1.00 156.65 ? 332 GLY A CA  1 
ATOM   331 C CA  . ILE A 1 331 ? 10.675  -3.880  -14.475 1.00 158.52 ? 333 ILE A CA  1 
ATOM   332 C CA  . PHE A 1 332 ? 13.480  -1.434  -15.408 1.00 157.10 ? 334 PHE A CA  1 
ATOM   333 C CA  . ALA A 1 333 ? 14.181  -3.216  -18.634 1.00 158.73 ? 335 ALA A CA  1 
ATOM   334 C CA  . LEU A 1 334 ? 10.630  -3.469  -19.844 1.00 162.47 ? 336 LEU A CA  1 
ATOM   335 C CA  . LEU A 1 335 ? 10.066  -0.041  -18.457 1.00 143.20 ? 337 LEU A CA  1 
ATOM   336 C CA  . MET A 1 336 ? 12.647  1.247   -20.933 1.00 169.51 ? 338 MET A CA  1 
ATOM   337 C CA  . LEU A 1 337 ? 12.087  -0.760  -24.107 1.00 180.41 ? 339 LEU A CA  1 
ATOM   338 C CA  . PHE A 1 338 ? 8.306   -0.868  -24.140 1.00 183.11 ? 340 PHE A CA  1 
ATOM   339 C CA  . PRO A 1 339 ? 7.914   2.687   -23.008 1.00 170.21 ? 341 PRO A CA  1 
ATOM   340 C CA  . GLU A 1 340 ? 6.479   3.311   -26.485 1.00 212.48 ? 342 GLU A CA  1 
ATOM   341 C CA  . ALA A 1 341 ? 3.656   0.673   -26.510 1.00 238.86 ? 343 ALA A CA  1 
ATOM   342 C CA  . LEU A 1 342 ? 2.626   1.868   -23.009 1.00 216.65 ? 344 LEU A CA  1 
ATOM   343 C CA  . LEU A 1 343 ? 2.697   5.350   -24.392 1.00 218.53 ? 345 LEU A CA  1 
ATOM   344 C CA  . ARG A 1 344 ? 0.469   3.798   -27.100 1.00 285.04 ? 346 ARG A CA  1 
ATOM   345 C CA  . VAL A 1 345 ? -2.243  3.840   -24.469 1.00 258.63 ? 347 VAL A CA  1 
ATOM   346 C CA  . PHE A 1 346 ? -1.177  7.475   -24.516 1.00 359.91 ? 348 PHE A CA  1 
ATOM   347 C CA  . THR A 1 347 ? -1.425  7.737   -28.319 1.00 309.31 ? 349 THR A CA  1 
ATOM   348 C CA  . ALA A 1 348 ? -1.684  11.414  -29.040 1.00 260.17 ? 350 ALA A CA  1 
ATOM   349 C CA  . ASP A 1 349 ? 0.888   13.825  -30.548 1.00 285.66 ? 351 ASP A CA  1 
ATOM   350 C CA  . ARG A 1 350 ? 4.275   12.904  -32.039 1.00 284.92 ? 352 ARG A CA  1 
ATOM   351 C CA  . GLU A 1 351 ? 5.489   15.234  -29.340 1.00 264.81 ? 353 GLU A CA  1 
ATOM   352 C CA  . VAL A 1 352 ? 3.488   13.154  -26.845 1.00 233.62 ? 354 VAL A CA  1 
ATOM   353 C CA  . ILE A 1 353 ? 5.643   10.087  -27.558 1.00 212.56 ? 355 ILE A CA  1 
ATOM   354 C CA  . GLN A 1 354 ? 8.573   12.569  -27.493 1.00 254.83 ? 356 GLN A CA  1 
ATOM   355 C CA  . ALA A 1 355 ? 9.060   14.430  -24.252 1.00 268.80 ? 357 ALA A CA  1 
ATOM   356 C CA  . GLY A 1 356 ? 6.143   12.214  -23.275 1.00 256.73 ? 358 GLY A CA  1 
ATOM   357 C CA  . VAL A 1 357 ? 8.608   9.337   -23.243 1.00 194.63 ? 359 VAL A CA  1 
ATOM   358 C CA  . SER A 1 358 ? 11.736  11.419  -22.690 1.00 222.45 ? 360 SER A CA  1 
ATOM   359 C CA  . ALA A 1 359 ? 10.755  11.581  -19.027 1.00 199.92 ? 361 ALA A CA  1 
ATOM   360 C CA  . MET A 1 360 ? 9.595   7.891   -19.097 1.00 251.62 ? 362 MET A CA  1 
ATOM   361 C CA  . HIS A 1 361 ? 13.034  7.265   -20.484 1.00 207.23 ? 363 HIS A CA  1 
ATOM   362 C CA  . ILE A 1 362 ? 16.043  8.127   -18.354 1.00 213.87 ? 364 ILE A CA  1 
ATOM   363 C CA  . LEU A 1 363 ? 13.705  9.078   -15.460 1.00 182.94 ? 365 LEU A CA  1 
ATOM   364 C CA  . PHE A 1 364 ? 13.789  5.400   -14.543 1.00 202.77 ? 366 PHE A CA  1 
ATOM   365 C CA  . CYS A 1 365 ? 17.284  4.476   -15.002 1.00 149.74 ? 367 CYS A CA  1 
ATOM   366 C CA  . VAL A 1 366 ? 17.018  4.154   -11.143 1.00 239.95 ? 368 VAL A CA  1 
ATOM   367 C CA  . THR A 1 367 ? 14.573  1.277   -11.105 1.00 196.99 ? 369 THR A CA  1 
ATOM   368 C CA  . PHE A 1 368 ? 17.054  -1.571  -10.975 1.00 171.80 ? 370 PHE A CA  1 
ATOM   369 C CA  . LEU A 1 369 ? 18.484  -0.129  -7.724  1.00 172.52 ? 371 LEU A CA  1 
ATOM   370 C CA  . ILE A 1 370 ? 15.075  0.071   -6.190  1.00 177.54 ? 372 ILE A CA  1 
ATOM   371 C CA  . GLY A 1 371 ? 14.904  -3.650  -5.498  1.00 206.08 ? 373 GLY A CA  1 
ATOM   372 C CA  . ALA A 1 372 ? 16.836  -3.468  -2.255  1.00 160.46 ? 374 ALA A CA  1 
ATOM   373 C CA  . GLN A 1 373 ? 16.009  0.172   -1.596  1.00 207.36 ? 375 GLN A CA  1 
ATOM   374 C CA  . ILE A 1 374 ? 12.520  -1.222  -0.863  1.00 175.12 ? 376 ILE A CA  1 
ATOM   375 C CA  . VAL A 1 375 ? 13.365  -4.624  0.590   1.00 165.86 ? 377 VAL A CA  1 
ATOM   376 C CA  . ALA A 1 376 ? 15.394  -2.863  3.213   1.00 175.91 ? 378 ALA A CA  1 
ATOM   377 C CA  . GLY A 1 377 ? 12.111  -1.330  4.315   1.00 173.69 ? 379 GLY A CA  1 
ATOM   378 C CA  . GLY A 1 378 ? 10.496  -4.686  5.138   1.00 197.56 ? 380 GLY A CA  1 
ATOM   379 C CA  . LEU A 1 379 ? 13.468  -5.604  7.239   1.00 150.41 ? 381 LEU A CA  1 
ATOM   380 C CA  . TYR A 1 380 ? 13.502  -2.784  9.591   1.00 155.87 ? 382 TYR A CA  1 
ATOM   381 C CA  . GLN A 1 381 ? 9.890   -3.113  9.859   1.00 181.31 ? 383 GLN A CA  1 
ATOM   382 C CA  . SER A 1 382 ? 9.405   -6.859  10.270  1.00 200.85 ? 384 SER A CA  1 
ATOM   383 C CA  . LEU A 1 383 ? 12.068  -6.387  12.905  1.00 165.39 ? 385 LEU A CA  1 
ATOM   384 C CA  . GLY A 1 384 ? 10.088  -3.800  14.817  1.00 223.48 ? 386 GLY A CA  1 
ATOM   385 C CA  . LYS A 1 385 ? 13.008  -1.316  14.810  1.00 283.93 ? 387 LYS A CA  1 
ATOM   386 C CA  . PRO A 1 386 ? 11.285  0.948   12.351  1.00 265.63 ? 388 PRO A CA  1 
ATOM   387 C CA  . LYS A 1 387 ? 13.458  3.691   13.728  1.00 217.44 ? 389 LYS A CA  1 
ATOM   388 C CA  . GLN A 1 388 ? 15.982  3.286   11.016  1.00 198.00 ? 390 GLN A CA  1 
ATOM   389 C CA  . ALA A 1 389 ? 13.062  2.601   8.635   1.00 194.75 ? 391 ALA A CA  1 
ATOM   390 C CA  . LEU A 1 390 ? 11.628  5.866   9.838   1.00 165.98 ? 392 LEU A CA  1 
ATOM   391 C CA  . ILE A 1 391 ? 14.961  7.487   9.044   1.00 221.41 ? 393 ILE A CA  1 
ATOM   392 C CA  . LEU A 1 392 ? 14.984  5.819   5.668   1.00 192.52 ? 394 LEU A CA  1 
ATOM   393 C CA  . SER A 1 393 ? 11.466  6.703   4.439   1.00 212.26 ? 395 SER A CA  1 
ATOM   394 C CA  . LEU A 1 394 ? 11.812  10.433  4.924   1.00 184.62 ? 396 LEU A CA  1 
ATOM   395 C CA  . SER A 1 395 ? 15.004  10.414  2.928   1.00 204.25 ? 397 SER A CA  1 
ATOM   396 C CA  . ARG A 1 396 ? 13.489  8.673   -0.107  1.00 211.24 ? 398 ARG A CA  1 
ATOM   397 C CA  . GLN A 1 397 ? 10.202  10.452  0.083   1.00 203.99 ? 399 GLN A CA  1 
ATOM   398 C CA  . ILE A 1 398 ? 10.658  13.975  1.278   1.00 217.16 ? 400 ILE A CA  1 
ATOM   399 C CA  . ILE A 1 399 ? 13.979  15.235  2.576   1.00 214.22 ? 401 ILE A CA  1 
ATOM   400 C CA  . PHE A 1 400 ? 15.781  14.553  -0.638  1.00 193.32 ? 402 PHE A CA  1 
ATOM   401 C CA  . LEU A 1 401 ? 13.064  14.555  -3.178  1.00 199.54 ? 403 LEU A CA  1 
ATOM   402 C CA  . ILE A 1 402 ? 11.192  17.834  -2.668  1.00 202.02 ? 404 ILE A CA  1 
ATOM   403 C CA  . PRO A 1 403 ? 14.487  19.581  -1.746  1.00 209.79 ? 405 PRO A CA  1 
ATOM   404 C CA  . LEU A 1 404 ? 15.582  18.383  -5.154  1.00 196.49 ? 406 LEU A CA  1 
ATOM   405 C CA  . VAL A 1 405 ? 12.429  19.328  -7.100  1.00 188.10 ? 407 VAL A CA  1 
ATOM   406 C CA  . LEU A 1 406 ? 12.496  22.685  -5.323  1.00 232.93 ? 408 LEU A CA  1 
ATOM   407 C CA  . ILE A 1 407 ? 16.216  22.915  -6.122  1.00 220.53 ? 409 ILE A CA  1 
ATOM   408 C CA  . LEU A 1 408 ? 15.439  22.495  -9.816  1.00 230.89 ? 410 LEU A CA  1 
ATOM   409 C CA  . PRO A 1 409 ? 12.115  24.405  -10.530 1.00 371.26 ? 411 PRO A CA  1 
ATOM   410 C CA  . HIS A 1 410 ? 13.597  27.481  -8.806  1.00 374.38 ? 412 HIS A CA  1 
ATOM   411 C CA  . ILE A 1 411 ? 14.372  27.843  -12.470 1.00 355.57 ? 413 ILE A CA  1 
ATOM   412 C CA  . PHE A 1 412 ? 15.961  24.689  -13.962 1.00 228.98 ? 414 PHE A CA  1 
ATOM   413 C CA  . GLY A 1 413 ? 13.073  23.504  -16.113 1.00 229.05 ? 415 GLY A CA  1 
ATOM   414 C CA  . LEU A 1 414 ? 10.948  20.443  -16.831 1.00 322.93 ? 416 LEU A CA  1 
ATOM   415 C CA  . SER A 1 415 ? 14.396  18.994  -16.180 1.00 290.19 ? 417 SER A CA  1 
ATOM   416 C CA  . GLY A 1 416 ? 13.467  19.681  -12.564 1.00 202.35 ? 418 GLY A CA  1 
ATOM   417 C CA  . VAL A 1 417 ? 10.956  16.856  -13.140 1.00 221.43 ? 419 VAL A CA  1 
ATOM   418 C CA  . TRP A 1 418 ? 13.704  14.576  -14.403 1.00 211.74 ? 420 TRP A CA  1 
ATOM   419 C CA  . TRP A 1 419 ? 16.913  14.946  -12.340 1.00 230.49 ? 421 TRP A CA  1 
ATOM   420 C CA  . ALA A 1 420 ? 14.746  15.434  -9.262  1.00 185.97 ? 422 ALA A CA  1 
ATOM   421 C CA  . PHE A 1 421 ? 13.653  11.771  -9.391  1.00 202.17 ? 423 PHE A CA  1 
ATOM   422 C CA  . PRO A 1 422 ? 16.372  9.601   -10.954 1.00 198.10 ? 424 PRO A CA  1 
ATOM   423 C CA  . ILE A 1 423 ? 18.929  11.202  -8.703  1.00 161.40 ? 425 ILE A CA  1 
ATOM   424 C CA  . ALA A 1 424 ? 16.846  11.452  -5.549  1.00 185.83 ? 426 ALA A CA  1 
ATOM   425 C CA  . ASP A 1 425 ? 16.254  7.722   -5.420  1.00 166.91 ? 427 ASP A CA  1 
ATOM   426 C CA  . VAL A 1 426 ? 19.901  6.865   -5.794  1.00 132.06 ? 428 VAL A CA  1 
ATOM   427 C CA  . LEU A 1 427 ? 20.922  8.818   -2.741  1.00 148.26 ? 429 LEU A CA  1 
ATOM   428 C CA  . SER A 1 428 ? 17.961  6.975   -1.078  1.00 162.36 ? 430 SER A CA  1 
ATOM   429 C CA  . PHE A 1 429 ? 19.623  3.801   -2.322  1.00 121.09 ? 431 PHE A CA  1 
ATOM   430 C CA  . ILE A 1 430 ? 23.268  4.689   -1.498  1.00 151.04 ? 432 ILE A CA  1 
ATOM   431 C CA  . LEU A 1 431 ? 21.991  5.681   1.886   1.00 153.04 ? 433 LEU A CA  1 
ATOM   432 C CA  . THR A 1 432 ? 20.123  2.361   2.032   1.00 142.19 ? 434 THR A CA  1 
ATOM   433 C CA  . VAL A 1 433 ? 23.414  0.588   1.234   1.00 151.58 ? 435 VAL A CA  1 
ATOM   434 C CA  . VAL A 1 434 ? 24.900  2.159   4.346   1.00 151.66 ? 436 VAL A CA  1 
ATOM   435 C CA  . LEU A 1 435 ? 21.873  1.421   6.532   1.00 158.17 ? 437 LEU A CA  1 
ATOM   436 C CA  . LEU A 1 436 ? 22.849  -2.198  5.939   1.00 169.00 ? 438 LEU A CA  1 
ATOM   437 C CA  . TYR A 1 437 ? 26.576  -2.251  6.703   1.00 189.18 ? 439 TYR A CA  1 
ATOM   438 C CA  . ARG A 1 438 ? 25.173  -0.227  9.553   1.00 183.73 ? 440 ARG A CA  1 
ATOM   439 C CA  . ASP A 1 439 ? 23.848  -3.621  10.608  1.00 190.84 ? 441 ASP A CA  1 
ATOM   440 C CA  . ARG A 1 440 ? 26.057  -6.464  9.484   1.00 212.13 ? 442 ARG A CA  1 
ATOM   441 C CA  . ASN A 1 441 ? 23.378  -8.337  11.482  1.00 205.14 ? 443 ASN A CA  1 
ATOM   442 C CA  . VAL A 1 442 ? 20.374  -8.548  9.066   1.00 231.58 ? 444 VAL A CA  1 
ATOM   443 C CA  . PHE A 1 443 ? 22.740  -9.957  6.637   1.00 247.64 ? 445 PHE A CA  1 
ATOM   444 C CA  . PHE A 1 444 ? 25.488  -11.304 8.863   1.00 274.82 ? 446 PHE A CA  1 
ATOM   445 C CA  . LEU A 1 445 ? 26.130  -13.940 6.181   1.00 309.74 ? 447 LEU A CA  1 
ATOM   446 C CA  . LYS A 1 446 ? 27.908  -12.619 3.024   1.00 263.76 ? 448 LYS A CA  1 
HETATM 447 C C1  . RHQ B 2 .   ? -8.596  0.124   -3.596  1.00 300.00 ? 501 RHQ A C1  1 
HETATM 448 C C2  . RHQ B 2 .   ? -7.164  0.593   -3.703  1.00 300.00 ? 501 RHQ A C2  1 
HETATM 449 C C3  . RHQ B 2 .   ? -6.205  0.088   -2.819  1.00 300.00 ? 501 RHQ A C3  1 
HETATM 450 C C4  . RHQ B 2 .   ? -6.545  -0.841  -1.842  1.00 300.00 ? 501 RHQ A C4  1 
HETATM 451 C C5  . RHQ B 2 .   ? -7.974  -1.316  -1.726  1.00 300.00 ? 501 RHQ A C5  1 
HETATM 452 C C6  . RHQ B 2 .   ? -8.935  -0.808  -2.612  1.00 300.00 ? 501 RHQ A C6  1 
HETATM 453 O O1  . RHQ B 2 .   ? -9.575  0.596   -4.455  1.00 300.00 ? 501 RHQ A O1  1 
HETATM 454 C C7  . RHQ B 2 .   ? -9.305  1.518   -5.451  1.00 300.00 ? 501 RHQ A C7  1 
HETATM 455 C C8  . RHQ B 2 .   ? -7.914  2.059   -5.649  1.00 300.00 ? 501 RHQ A C8  1 
HETATM 456 C C9  . RHQ B 2 .   ? -6.792  1.591   -4.766  1.00 300.00 ? 501 RHQ A C9  1 
HETATM 457 C C10 . RHQ B 2 .   ? -10.326 1.970   -6.290  1.00 300.00 ? 501 RHQ A C10 1 
HETATM 458 C C11 . RHQ B 2 .   ? -10.075 2.902   -7.304  1.00 300.00 ? 501 RHQ A C11 1 
HETATM 459 C C12 . RHQ B 2 .   ? -8.673  3.444   -7.493  1.00 300.00 ? 501 RHQ A C12 1 
HETATM 460 C C13 . RHQ B 2 .   ? -7.662  2.992   -6.656  1.00 300.00 ? 501 RHQ A C13 1 
HETATM 461 N N1  . RHQ B 2 .   ? -11.155 3.260   -8.042  1.00 300.00 ? 501 RHQ A N1  1 
HETATM 462 C C14 . RHQ B 2 .   ? -5.392  2.141   -4.990  1.00 300.00 ? 501 RHQ A C14 1 
HETATM 463 C C15 . RHQ B 2 .   ? -5.151  3.486   -4.786  1.00 300.00 ? 501 RHQ A C15 1 
HETATM 464 C C16 . RHQ B 2 .   ? -3.883  4.050   -5.001  1.00 300.00 ? 501 RHQ A C16 1 
HETATM 465 C C17 . RHQ B 2 .   ? -2.791  3.317   -5.434  1.00 300.00 ? 501 RHQ A C17 1 
HETATM 466 C C18 . RHQ B 2 .   ? -2.960  1.962   -5.671  1.00 300.00 ? 501 RHQ A C18 1 
HETATM 467 C C19 . RHQ B 2 .   ? -4.205  1.345   -5.478  1.00 300.00 ? 501 RHQ A C19 1 
HETATM 468 C C20 . RHQ B 2 .   ? -8.246  4.448   -8.537  1.00 296.27 ? 501 RHQ A C20 1 
HETATM 469 C C21 . RHQ B 2 .   ? -5.428  -1.325  -0.953  1.00 299.77 ? 501 RHQ A C21 1 
HETATM 470 C C22 . RHQ B 2 .   ? -11.081 3.802   -9.376  1.00 300.00 ? 501 RHQ A C22 1 
HETATM 471 C C23 . RHQ B 2 .   ? -11.547 5.237   -9.429  1.00 291.67 ? 501 RHQ A C23 1 
HETATM 472 N N2  . RHQ B 2 .   ? -8.409  -2.226  -0.810  1.00 296.71 ? 501 RHQ A N2  1 
HETATM 473 C C24 . RHQ B 2 .   ? -7.574  -2.868  0.192   1.00 271.86 ? 501 RHQ A C24 1 
HETATM 474 C C25 . RHQ B 2 .   ? -7.549  -4.390  0.154   1.00 221.64 ? 501 RHQ A C25 1 
HETATM 475 C C26 . RHQ B 2 .   ? -4.274  -0.122  -5.762  1.00 300.00 ? 501 RHQ A C26 1 
HETATM 476 O O27 . RHQ B 2 .   ? -4.131  -0.936  -4.862  1.00 300.00 ? 501 RHQ A O27 1 
HETATM 477 O O2  . RHQ B 2 .   ? -4.469  -0.616  -7.120  1.00 280.17 ? 501 RHQ A O2  1 
HETATM 478 C C28 . RHQ B 2 .   ? -3.416  -1.330  -7.777  1.00 210.71 ? 501 RHQ A C28 1 
HETATM 479 C C29 . RHQ B 2 .   ? -3.427  -2.790  -7.265  1.00 180.60 ? 501 RHQ A C29 1 
# 
